data_5YJS
#
_entry.id   5YJS
#
_cell.length_a   148.030
_cell.length_b   148.030
_cell.length_c   148.030
_cell.angle_alpha   90.00
_cell.angle_beta   90.00
_cell.angle_gamma   90.00
#
_symmetry.space_group_name_H-M   'P 21 3'
#
loop_
_entity.id
_entity.type
_entity.pdbx_description
1 polymer 'vicilin-like antimicrobial peptides 2-2'
2 non-polymer 'CHLORIDE ION'
3 non-polymer 'SODIUM ION'
4 non-polymer '2-HYDROXYBENZOIC ACID'
5 non-polymer 'COPPER (I) ION'
6 non-polymer 'TETRAETHYLENE GLYCOL'
7 water water
#
_entity_poly.entity_id   1
_entity_poly.type   'polypeptide(L)'
_entity_poly.pdbx_seq_one_letter_code
;NPYLFESAGFASAFRTGEGHLKILEKFTQRSELFRGIEKYRVAVLEFEPQSFMVPNHCDGEVIYVVAKGAGIISIAEQKA
KYYFVLKKADVKRVPAGATIYFVNRDANQKLVVYVLVKSTNAPGEAQEYFSGGGQNPESFYRAFSSDILEKAFNTAADRL
ERLFGQQKQGPVIKASEEQIRAISQYASEPTAATGGEIRGPFNLLKGAPLFESRFGQFFEASPELFAQLRDLDVAVGYMN
INQGGMVLPYYNTKSTRLVMVIEGNGRFEMACPH(UNK)(UNK)(UNK)(UNK)(UNK)(UNK)(UNK)(UNK)(UNK)
(UNK)(UNK)(UNK)(UNK)(UNK)(UNK)(UNK)(UNK)(UNK)(UNK)(UNK)AGDVHYQKVRGNLNVGDLLVVPAAH
PITFTATGGSNLRMVGFGINAQNNKKKFLAGKQNIWRNVDREAKELSFNMPGREVEEIFQKQDESYFVAGP
;
_entity_poly.pdbx_strand_id   A,B
#
loop_
_chem_comp.id
_chem_comp.type
_chem_comp.name
_chem_comp.formula
CL non-polymer 'CHLORIDE ION' 'Cl -1'
CU1 non-polymer 'COPPER (I) ION' 'Cu 1'
NA non-polymer 'SODIUM ION' 'Na 1'
PG4 non-polymer 'TETRAETHYLENE GLYCOL' 'C8 H18 O5'
SAL non-polymer '2-HYDROXYBENZOIC ACID' 'C7 H6 O3'
#
# COMPACT_ATOMS: atom_id res chain seq x y z
N ASN A 1 7.22 -12.44 28.98
CA ASN A 1 6.92 -12.88 27.58
C ASN A 1 8.13 -13.21 26.70
N PRO A 2 8.57 -14.48 26.69
CA PRO A 2 9.75 -14.87 25.84
C PRO A 2 9.54 -14.82 24.32
N TYR A 3 8.29 -14.68 23.89
CA TYR A 3 7.99 -14.75 22.48
C TYR A 3 8.22 -13.45 21.70
N LEU A 4 8.20 -12.33 22.39
CA LEU A 4 8.27 -11.01 21.80
C LEU A 4 9.71 -10.49 21.91
N PHE A 5 10.35 -10.14 20.78
CA PHE A 5 11.72 -9.63 20.77
C PHE A 5 11.63 -8.21 20.21
N GLU A 6 11.56 -7.23 21.09
CA GLU A 6 11.47 -5.82 20.69
C GLU A 6 12.69 -5.45 19.91
N SER A 7 12.51 -4.49 18.97
CA SER A 7 13.63 -4.07 18.11
C SER A 7 14.84 -3.59 18.95
N ALA A 8 14.58 -2.88 20.03
CA ALA A 8 15.58 -2.55 21.06
C ALA A 8 16.43 -3.75 21.63
N GLY A 9 15.85 -4.94 21.80
CA GLY A 9 16.59 -6.16 22.20
C GLY A 9 17.50 -6.79 21.14
N PHE A 10 17.49 -6.28 19.90
CA PHE A 10 18.39 -6.80 18.87
C PHE A 10 19.86 -6.35 19.11
N ALA A 11 20.84 -7.19 18.78
CA ALA A 11 22.27 -6.83 18.95
C ALA A 11 22.79 -6.20 17.65
N SER A 12 23.80 -5.34 17.70
CA SER A 12 24.23 -4.57 16.52
C SER A 12 25.63 -5.03 16.12
N ALA A 13 25.75 -6.01 15.23
CA ALA A 13 27.08 -6.48 14.86
C ALA A 13 28.03 -5.36 14.27
N PHE A 14 27.47 -4.42 13.49
CA PHE A 14 28.22 -3.25 12.97
C PHE A 14 27.29 -2.06 12.79
N ARG A 15 27.89 -0.90 12.89
CA ARG A 15 27.20 0.32 12.58
C ARG A 15 28.19 1.36 11.96
N THR A 16 27.83 1.95 10.83
CA THR A 16 28.62 3.04 10.24
C THR A 16 27.68 4.19 10.03
N GLY A 17 28.21 5.32 9.59
CA GLY A 17 27.36 6.42 9.17
C GLY A 17 26.48 6.10 7.96
N GLU A 18 26.79 5.04 7.18
CA GLU A 18 26.06 4.66 6.00
C GLU A 18 25.17 3.42 6.10
N GLY A 19 25.23 2.71 7.22
CA GLY A 19 24.38 1.55 7.40
C GLY A 19 24.63 0.79 8.71
N HIS A 20 23.78 -0.20 8.98
CA HIS A 20 23.93 -1.02 10.16
C HIS A 20 23.21 -2.35 10.08
N LEU A 21 23.69 -3.28 10.85
CA LEU A 21 23.10 -4.56 10.98
C LEU A 21 22.70 -4.77 12.42
N LYS A 22 21.47 -5.23 12.60
CA LYS A 22 20.95 -5.60 13.93
C LYS A 22 20.59 -7.11 13.78
N ILE A 23 20.89 -7.91 14.78
CA ILE A 23 20.56 -9.33 14.69
C ILE A 23 20.02 -9.81 16.04
N LEU A 24 19.03 -10.67 16.00
CA LEU A 24 18.52 -11.22 17.21
C LEU A 24 19.46 -12.22 17.85
N GLU A 25 19.51 -12.24 19.18
CA GLU A 25 20.15 -13.35 19.95
C GLU A 25 19.63 -14.70 19.46
N LYS A 26 20.49 -15.69 19.47
CA LYS A 26 20.15 -17.08 19.31
C LYS A 26 18.93 -17.34 20.18
N PHE A 27 17.90 -17.95 19.61
CA PHE A 27 16.63 -18.03 20.34
C PHE A 27 16.74 -18.88 21.61
N THR A 28 17.60 -19.91 21.58
CA THR A 28 17.86 -20.73 22.77
C THR A 28 18.53 -20.02 23.94
N GLN A 29 19.14 -18.86 23.73
CA GLN A 29 19.63 -18.06 24.87
C GLN A 29 18.48 -17.41 25.62
N ARG A 30 17.40 -17.01 24.94
CA ARG A 30 16.19 -16.52 25.60
C ARG A 30 15.49 -17.62 26.39
N SER A 31 15.19 -18.74 25.77
CA SER A 31 14.45 -19.82 26.42
C SER A 31 14.70 -21.19 25.77
N GLU A 32 14.72 -22.22 26.60
CA GLU A 32 14.76 -23.61 26.13
C GLU A 32 13.48 -24.00 25.37
N LEU A 33 12.41 -23.21 25.52
CA LEU A 33 11.21 -23.36 24.67
C LEU A 33 11.50 -23.25 23.17
N PHE A 34 12.58 -22.53 22.81
CA PHE A 34 12.92 -22.27 21.44
C PHE A 34 13.90 -23.24 20.82
N ARG A 35 14.09 -24.40 21.44
CA ARG A 35 14.94 -25.41 20.83
C ARG A 35 14.52 -25.76 19.41
N GLY A 36 13.22 -25.71 19.12
CA GLY A 36 12.73 -25.93 17.78
C GLY A 36 13.22 -24.98 16.69
N ILE A 37 13.62 -23.76 17.08
CA ILE A 37 14.02 -22.75 16.12
C ILE A 37 15.49 -22.42 16.24
N GLU A 38 16.26 -23.29 16.90
CA GLU A 38 17.65 -23.00 17.19
C GLU A 38 18.48 -22.71 15.91
N LYS A 39 18.13 -23.32 14.80
CA LYS A 39 18.91 -23.11 13.54
C LYS A 39 18.71 -21.74 12.87
N TYR A 40 17.81 -20.90 13.40
CA TYR A 40 17.32 -19.75 12.65
C TYR A 40 17.77 -18.53 13.34
N ARG A 41 18.15 -17.51 12.55
CA ARG A 41 18.31 -16.16 13.13
C ARG A 41 17.51 -15.17 12.25
N VAL A 42 17.20 -14.00 12.85
CA VAL A 42 16.53 -12.91 12.17
C VAL A 42 17.38 -11.68 12.36
N ALA A 43 17.54 -10.94 11.27
CA ALA A 43 18.32 -9.71 11.27
C ALA A 43 17.60 -8.63 10.48
N VAL A 44 18.04 -7.41 10.70
CA VAL A 44 17.64 -6.25 9.92
C VAL A 44 18.90 -5.58 9.44
N LEU A 45 19.00 -5.35 8.13
CA LEU A 45 20.04 -4.56 7.51
C LEU A 45 19.43 -3.27 6.98
N GLU A 46 20.05 -2.13 7.34
CA GLU A 46 19.66 -0.81 6.83
C GLU A 46 20.84 -0.13 6.07
N PHE A 47 20.55 0.42 4.91
CA PHE A 47 21.52 1.17 4.10
C PHE A 47 21.02 2.61 3.88
N GLU A 48 21.85 3.59 4.22
CA GLU A 48 21.58 5.00 3.86
C GLU A 48 21.60 5.19 2.36
N PRO A 49 21.02 6.31 1.87
CA PRO A 49 21.04 6.64 0.42
C PRO A 49 22.45 6.57 -0.10
N GLN A 50 22.58 6.12 -1.34
CA GLN A 50 23.88 6.09 -2.02
C GLN A 50 25.02 5.39 -1.25
N SER A 51 24.78 4.13 -0.92
CA SER A 51 25.63 3.32 -0.05
C SER A 51 25.92 1.98 -0.70
N PHE A 52 26.98 1.31 -0.26
CA PHE A 52 27.42 0.09 -0.83
C PHE A 52 27.93 -0.73 0.35
N MET A 53 27.63 -2.02 0.34
CA MET A 53 28.17 -2.95 1.29
C MET A 53 29.44 -3.62 0.74
N VAL A 54 30.44 -3.70 1.58
CA VAL A 54 31.65 -4.36 1.20
C VAL A 54 31.31 -5.86 0.92
N PRO A 55 31.76 -6.41 -0.20
CA PRO A 55 31.48 -7.81 -0.49
C PRO A 55 31.83 -8.78 0.64
N ASN A 56 30.89 -9.67 0.91
CA ASN A 56 31.09 -10.66 1.92
C ASN A 56 30.13 -11.83 1.61
N HIS A 57 30.42 -12.97 2.23
CA HIS A 57 29.49 -14.08 2.24
C HIS A 57 29.03 -14.39 3.66
N CYS A 58 27.83 -14.95 3.75
CA CYS A 58 27.27 -15.46 5.03
C CYS A 58 27.41 -17.00 5.00
N ASP A 59 27.81 -17.62 6.10
CA ASP A 59 27.90 -19.06 6.12
C ASP A 59 26.54 -19.78 6.15
N GLY A 60 25.48 -19.07 6.53
CA GLY A 60 24.11 -19.54 6.56
C GLY A 60 23.37 -19.31 5.27
N GLU A 61 22.26 -20.04 5.07
CA GLU A 61 21.33 -19.74 3.99
C GLU A 61 20.59 -18.47 4.39
N VAL A 62 20.31 -17.59 3.42
CA VAL A 62 19.69 -16.32 3.74
C VAL A 62 18.46 -16.07 2.84
N ILE A 63 17.45 -15.47 3.45
CA ILE A 63 16.31 -14.93 2.68
C ILE A 63 16.20 -13.47 3.08
N TYR A 64 16.24 -12.59 2.10
CA TYR A 64 16.07 -11.14 2.31
C TYR A 64 14.64 -10.72 1.91
N VAL A 65 14.04 -9.86 2.69
CA VAL A 65 12.73 -9.26 2.37
C VAL A 65 12.91 -7.77 2.45
N VAL A 66 12.57 -7.07 1.38
CA VAL A 66 12.74 -5.63 1.38
C VAL A 66 11.55 -5.02 2.09
N ALA A 67 11.83 -4.39 3.21
CA ALA A 67 10.83 -3.75 4.06
C ALA A 67 10.56 -2.33 3.61
N LYS A 68 11.60 -1.61 3.16
CA LYS A 68 11.55 -0.18 2.78
C LYS A 68 12.63 0.10 1.71
N GLY A 69 12.29 0.91 0.73
CA GLY A 69 13.22 1.39 -0.29
C GLY A 69 13.39 0.47 -1.45
N ALA A 70 14.54 0.62 -2.11
CA ALA A 70 14.82 0.12 -3.44
C ALA A 70 16.39 -0.11 -3.49
N GLY A 71 16.87 -1.01 -4.30
CA GLY A 71 18.29 -1.18 -4.43
C GLY A 71 18.69 -2.24 -5.36
N ILE A 72 19.96 -2.69 -5.22
CA ILE A 72 20.49 -3.72 -6.08
C ILE A 72 21.21 -4.70 -5.20
N ILE A 73 21.17 -5.96 -5.58
CA ILE A 73 22.01 -6.98 -4.95
C ILE A 73 22.83 -7.58 -6.09
N SER A 74 24.07 -7.86 -5.83
CA SER A 74 24.93 -8.55 -6.75
C SER A 74 25.47 -9.73 -6.06
N ILE A 75 25.69 -10.75 -6.85
CA ILE A 75 26.20 -12.04 -6.42
C ILE A 75 27.38 -12.46 -7.25
N ALA A 76 28.49 -12.80 -6.61
CA ALA A 76 29.72 -13.20 -7.31
C ALA A 76 30.06 -14.64 -6.93
N GLU A 77 29.94 -15.57 -7.88
CA GLU A 77 30.27 -16.94 -7.68
C GLU A 77 31.48 -17.23 -8.53
N GLN A 78 32.00 -18.46 -8.38
CA GLN A 78 33.15 -18.92 -9.04
C GLN A 78 32.86 -18.88 -10.53
N LYS A 79 31.66 -19.24 -10.94
CA LYS A 79 31.34 -19.51 -12.36
C LYS A 79 30.13 -18.62 -12.82
N ALA A 80 29.70 -17.60 -12.07
CA ALA A 80 28.58 -16.79 -12.50
C ALA A 80 28.54 -15.43 -11.77
N LYS A 81 27.92 -14.46 -12.41
CA LYS A 81 27.71 -13.12 -11.84
C LYS A 81 26.26 -12.81 -12.02
N TYR A 82 25.65 -12.19 -11.02
CA TYR A 82 24.28 -11.78 -11.07
C TYR A 82 24.14 -10.36 -10.54
N TYR A 83 23.13 -9.67 -11.07
CA TYR A 83 22.60 -8.47 -10.50
C TYR A 83 21.10 -8.63 -10.48
N PHE A 84 20.49 -8.23 -9.38
CA PHE A 84 19.04 -8.14 -9.34
C PHE A 84 18.63 -6.82 -8.70
N VAL A 85 17.51 -6.33 -9.18
CA VAL A 85 16.86 -5.15 -8.67
C VAL A 85 15.97 -5.52 -7.48
N LEU A 86 15.96 -4.73 -6.42
CA LEU A 86 15.14 -5.02 -5.23
C LEU A 86 14.18 -3.88 -4.98
N LYS A 87 12.93 -4.22 -4.79
CA LYS A 87 11.87 -3.28 -4.59
C LYS A 87 11.22 -3.73 -3.31
N LYS A 88 10.39 -2.86 -2.78
CA LYS A 88 9.64 -3.12 -1.57
C LYS A 88 8.79 -4.39 -1.71
N ALA A 89 8.80 -5.20 -0.66
CA ALA A 89 8.19 -6.53 -0.57
C ALA A 89 8.72 -7.58 -1.50
N ASP A 90 9.85 -7.36 -2.19
CA ASP A 90 10.52 -8.40 -2.98
C ASP A 90 11.23 -9.32 -1.91
N VAL A 91 11.38 -10.59 -2.27
CA VAL A 91 11.98 -11.59 -1.45
C VAL A 91 13.06 -12.22 -2.29
N LYS A 92 14.23 -12.45 -1.71
CA LYS A 92 15.39 -12.98 -2.45
C LYS A 92 16.13 -14.00 -1.59
N ARG A 93 16.23 -15.22 -2.09
CA ARG A 93 17.05 -16.27 -1.47
C ARG A 93 18.50 -16.17 -1.97
N VAL A 94 19.45 -16.20 -1.05
CA VAL A 94 20.85 -16.25 -1.36
C VAL A 94 21.39 -17.54 -0.76
N PRO A 95 21.96 -18.39 -1.60
CA PRO A 95 22.55 -19.62 -1.18
C PRO A 95 23.68 -19.39 -0.19
N ALA A 96 23.79 -20.27 0.76
CA ALA A 96 24.89 -20.24 1.73
C ALA A 96 26.24 -20.09 0.99
N GLY A 97 27.09 -19.25 1.55
CA GLY A 97 28.45 -19.07 1.06
C GLY A 97 28.59 -18.23 -0.19
N ALA A 98 27.50 -17.67 -0.69
CA ALA A 98 27.56 -16.86 -1.89
C ALA A 98 28.08 -15.49 -1.52
N THR A 99 29.09 -15.04 -2.26
CA THR A 99 29.64 -13.69 -2.08
C THR A 99 28.62 -12.67 -2.65
N ILE A 100 28.25 -11.67 -1.86
CA ILE A 100 27.25 -10.71 -2.32
C ILE A 100 27.67 -9.31 -1.91
N TYR A 101 27.04 -8.31 -2.55
CA TYR A 101 26.98 -6.98 -1.98
C TYR A 101 25.67 -6.35 -2.31
N PHE A 102 25.36 -5.23 -1.65
CA PHE A 102 24.17 -4.45 -1.96
C PHE A 102 24.58 -3.02 -2.27
N VAL A 103 23.73 -2.34 -3.04
CA VAL A 103 23.83 -0.95 -3.30
C VAL A 103 22.48 -0.34 -3.08
N ASN A 104 22.45 0.75 -2.31
CA ASN A 104 21.24 1.55 -2.19
C ASN A 104 21.48 2.72 -3.14
N ARG A 105 20.81 2.68 -4.25
CA ARG A 105 21.05 3.70 -5.26
C ARG A 105 20.20 4.99 -5.15
N ASP A 106 19.25 5.00 -4.21
CA ASP A 106 18.37 6.12 -4.03
C ASP A 106 19.10 7.25 -3.35
N ALA A 107 18.74 8.48 -3.71
CA ALA A 107 19.34 9.67 -3.10
C ALA A 107 18.66 10.10 -1.81
N ASN A 108 17.42 9.66 -1.57
CA ASN A 108 16.68 10.09 -0.39
C ASN A 108 16.24 9.04 0.62
N GLN A 109 15.91 7.84 0.17
CA GLN A 109 15.27 6.86 1.04
C GLN A 109 16.28 5.74 1.46
N LYS A 110 16.23 5.35 2.72
CA LYS A 110 16.93 4.19 3.24
C LYS A 110 16.42 2.93 2.61
N LEU A 111 17.29 1.95 2.48
CA LEU A 111 16.92 0.59 2.05
C LEU A 111 17.02 -0.25 3.32
N VAL A 112 15.92 -0.90 3.66
CA VAL A 112 15.84 -1.69 4.88
C VAL A 112 15.40 -3.10 4.46
N VAL A 113 16.22 -4.10 4.80
CA VAL A 113 15.91 -5.48 4.45
C VAL A 113 15.87 -6.28 5.76
N TYR A 114 14.86 -7.10 5.84
CA TYR A 114 14.71 -8.05 6.93
C TYR A 114 15.27 -9.36 6.42
N VAL A 115 15.96 -10.12 7.28
CA VAL A 115 16.72 -11.27 6.88
C VAL A 115 16.42 -12.47 7.75
N LEU A 116 16.11 -13.60 7.13
CA LEU A 116 16.13 -14.88 7.80
C LEU A 116 17.47 -15.58 7.51
N VAL A 117 18.10 -16.12 8.54
CA VAL A 117 19.34 -16.89 8.37
C VAL A 117 19.07 -18.31 8.87
N LYS A 118 19.35 -19.30 8.04
CA LYS A 118 19.27 -20.70 8.52
C LYS A 118 20.69 -21.32 8.50
N SER A 119 21.19 -21.73 9.65
CA SER A 119 22.47 -22.34 9.75
C SER A 119 22.51 -23.68 9.07
N THR A 120 23.70 -24.06 8.65
CA THR A 120 23.96 -25.35 8.04
C THR A 120 24.82 -26.24 9.05
N ASN A 121 25.79 -25.63 9.74
CA ASN A 121 26.66 -26.34 10.64
C ASN A 121 26.13 -26.30 12.09
N ALA A 122 26.85 -25.68 13.01
CA ALA A 122 26.39 -25.54 14.39
C ALA A 122 25.06 -24.75 14.44
N PRO A 123 24.07 -25.28 15.15
CA PRO A 123 22.80 -24.60 15.11
C PRO A 123 22.85 -23.13 15.56
N GLY A 124 22.30 -22.26 14.71
CA GLY A 124 22.11 -20.85 14.98
C GLY A 124 23.29 -19.93 14.85
N GLU A 125 24.45 -20.45 14.52
CA GLU A 125 25.62 -19.60 14.47
C GLU A 125 25.53 -19.04 13.06
N ALA A 126 25.86 -17.75 12.92
CA ALA A 126 25.82 -16.99 11.66
C ALA A 126 27.01 -16.02 11.66
N GLN A 127 27.76 -15.99 10.56
CA GLN A 127 28.95 -15.14 10.45
C GLN A 127 29.05 -14.59 9.04
N GLU A 128 29.47 -13.34 8.93
CA GLU A 128 29.90 -12.71 7.68
C GLU A 128 31.40 -12.88 7.45
N TYR A 129 31.78 -13.18 6.21
CA TYR A 129 33.17 -13.34 5.83
C TYR A 129 33.49 -12.26 4.78
N PHE A 130 34.18 -11.18 5.20
CA PHE A 130 34.48 -10.06 4.32
C PHE A 130 35.64 -10.40 3.43
N SER A 131 35.35 -10.67 2.16
CA SER A 131 36.40 -10.84 1.15
C SER A 131 36.97 -9.44 0.81
N GLY A 132 36.07 -8.52 0.60
CA GLY A 132 36.42 -7.09 0.49
C GLY A 132 36.96 -6.51 1.77
N GLY A 133 37.36 -5.24 1.66
CA GLY A 133 37.73 -4.48 2.83
C GLY A 133 39.25 -4.46 2.97
N GLY A 134 39.68 -4.31 4.19
CA GLY A 134 41.07 -4.18 4.45
C GLY A 134 41.29 -4.15 5.96
N GLN A 135 41.31 -2.96 6.55
CA GLN A 135 41.47 -2.82 8.00
C GLN A 135 40.11 -2.85 8.64
N ASN A 136 39.15 -2.16 8.05
CA ASN A 136 37.80 -2.14 8.58
C ASN A 136 36.79 -1.96 7.42
N PRO A 137 36.00 -3.02 7.11
CA PRO A 137 36.05 -4.29 7.83
C PRO A 137 37.32 -4.97 7.51
N GLU A 138 37.72 -5.77 8.46
CA GLU A 138 38.91 -6.57 8.30
C GLU A 138 38.67 -7.56 7.16
N SER A 139 39.47 -7.52 6.07
CA SER A 139 39.38 -8.58 5.06
C SER A 139 40.00 -9.89 5.54
N PHE A 140 39.35 -11.03 5.24
CA PHE A 140 39.95 -12.31 5.62
C PHE A 140 41.23 -12.64 4.88
N TYR A 141 41.52 -11.97 3.75
CA TYR A 141 42.78 -12.21 3.08
C TYR A 141 43.96 -11.91 4.03
N ARG A 142 43.80 -11.04 5.02
CA ARG A 142 44.90 -10.69 5.94
C ARG A 142 45.26 -11.80 6.91
N ALA A 143 44.44 -12.86 6.94
CA ALA A 143 44.69 -14.02 7.72
C ALA A 143 45.74 -14.90 7.15
N PHE A 144 45.99 -14.80 5.87
CA PHE A 144 47.00 -15.55 5.20
C PHE A 144 48.34 -14.85 5.29
N SER A 145 49.38 -15.66 5.38
CA SER A 145 50.72 -15.18 5.35
C SER A 145 51.11 -14.51 4.04
N SER A 146 52.02 -13.57 4.17
CA SER A 146 52.54 -12.80 3.03
C SER A 146 53.16 -13.69 1.99
N ASP A 147 53.94 -14.67 2.39
CA ASP A 147 54.53 -15.61 1.42
C ASP A 147 53.44 -16.33 0.63
N ILE A 148 52.33 -16.63 1.26
CA ILE A 148 51.22 -17.27 0.57
C ILE A 148 50.51 -16.34 -0.35
N LEU A 149 50.21 -15.15 0.13
CA LEU A 149 49.48 -14.18 -0.74
C LEU A 149 50.30 -13.81 -1.98
N GLU A 150 51.60 -13.66 -1.78
CA GLU A 150 52.52 -13.32 -2.90
C GLU A 150 52.52 -14.36 -3.99
N LYS A 151 52.61 -15.62 -3.58
CA LYS A 151 52.53 -16.69 -4.56
C LYS A 151 51.14 -16.81 -5.17
N ALA A 152 50.13 -16.63 -4.36
CA ALA A 152 48.78 -16.79 -4.84
C ALA A 152 48.47 -15.72 -5.88
N PHE A 153 48.90 -14.50 -5.59
CA PHE A 153 48.55 -13.36 -6.48
C PHE A 153 49.59 -13.10 -7.52
N ASN A 154 50.75 -13.76 -7.39
CA ASN A 154 51.93 -13.53 -8.27
C ASN A 154 52.35 -12.05 -8.28
N THR A 155 52.46 -11.49 -7.09
CA THR A 155 52.65 -10.05 -6.89
C THR A 155 53.49 -9.84 -5.71
N ALA A 156 54.13 -8.71 -5.65
CA ALA A 156 55.00 -8.42 -4.53
C ALA A 156 54.20 -7.92 -3.32
N ALA A 157 54.75 -8.13 -2.12
CA ALA A 157 54.11 -7.84 -0.85
C ALA A 157 53.63 -6.41 -0.74
N ASP A 158 54.36 -5.46 -1.30
CA ASP A 158 53.98 -4.05 -1.15
C ASP A 158 52.67 -3.68 -1.90
N ARG A 159 52.38 -4.35 -2.99
CA ARG A 159 51.12 -4.12 -3.68
C ARG A 159 49.98 -4.69 -2.86
N LEU A 160 50.23 -5.82 -2.19
CA LEU A 160 49.20 -6.45 -1.37
C LEU A 160 48.92 -5.70 -0.07
N GLU A 161 49.95 -5.17 0.55
CA GLU A 161 49.78 -4.29 1.73
C GLU A 161 48.91 -3.04 1.40
N ARG A 162 49.11 -2.49 0.22
CA ARG A 162 48.30 -1.37 -0.22
C ARG A 162 46.89 -1.87 -0.48
N LEU A 163 46.76 -2.97 -1.23
CA LEU A 163 45.42 -3.53 -1.59
C LEU A 163 44.51 -3.77 -0.35
N PHE A 164 45.08 -4.40 0.67
CA PHE A 164 44.34 -4.76 1.88
C PHE A 164 44.48 -3.80 3.01
N GLY A 165 45.01 -2.60 2.79
CA GLY A 165 45.33 -1.70 3.89
C GLY A 165 44.70 -0.34 3.84
N GLN A 166 43.86 -0.05 2.84
CA GLN A 166 43.27 1.27 2.75
C GLN A 166 41.82 1.40 3.11
N GLN A 167 41.05 0.30 3.10
CA GLN A 167 39.66 0.39 3.51
C GLN A 167 39.56 0.43 5.04
N LYS A 168 38.97 1.51 5.52
CA LYS A 168 38.81 1.78 6.95
C LYS A 168 37.40 2.26 7.32
N GLN A 169 36.51 2.45 6.36
CA GLN A 169 35.22 3.09 6.63
C GLN A 169 34.12 2.13 7.15
N GLY A 170 34.40 0.83 7.25
CA GLY A 170 33.44 -0.11 7.80
C GLY A 170 32.65 -0.80 6.71
N PRO A 171 31.72 -1.66 7.11
CA PRO A 171 31.05 -2.56 6.16
C PRO A 171 30.09 -1.93 5.19
N VAL A 172 29.56 -0.76 5.51
CA VAL A 172 28.67 -0.07 4.58
C VAL A 172 29.28 1.30 4.37
N ILE A 173 29.51 1.65 3.11
CA ILE A 173 30.21 2.90 2.80
C ILE A 173 29.50 3.72 1.72
N LYS A 174 29.92 4.99 1.56
CA LYS A 174 29.34 5.86 0.60
C LYS A 174 29.84 5.44 -0.74
N ALA A 175 28.97 5.54 -1.72
CA ALA A 175 29.37 5.44 -3.14
C ALA A 175 28.94 6.74 -3.84
N SER A 176 29.72 7.16 -4.82
CA SER A 176 29.40 8.43 -5.50
C SER A 176 28.24 8.13 -6.44
N GLU A 177 27.61 9.19 -6.86
CA GLU A 177 26.56 9.10 -7.84
C GLU A 177 27.04 8.43 -9.12
N GLU A 178 28.26 8.75 -9.51
CA GLU A 178 28.82 8.19 -10.71
C GLU A 178 29.12 6.67 -10.60
N GLN A 179 29.66 6.25 -9.45
CA GLN A 179 29.92 4.82 -9.17
C GLN A 179 28.64 4.11 -9.24
N ILE A 180 27.58 4.72 -8.70
CA ILE A 180 26.26 4.09 -8.71
C ILE A 180 25.68 3.97 -10.10
N ARG A 181 25.84 5.01 -10.88
CA ARG A 181 25.35 5.00 -12.26
C ARG A 181 26.02 3.86 -13.03
N ALA A 182 27.33 3.66 -12.83
CA ALA A 182 28.04 2.62 -13.54
C ALA A 182 27.57 1.25 -13.06
N ILE A 183 27.36 1.08 -11.77
CA ILE A 183 26.83 -0.20 -11.32
C ILE A 183 25.41 -0.44 -11.87
N SER A 184 24.57 0.60 -11.84
CA SER A 184 23.24 0.51 -12.49
C SER A 184 23.32 0.08 -13.93
N GLN A 185 24.30 0.62 -14.67
CA GLN A 185 24.43 0.16 -16.07
C GLN A 185 24.78 -1.36 -16.15
N TYR A 186 25.76 -1.82 -15.35
CA TYR A 186 26.17 -3.25 -15.39
C TYR A 186 24.94 -4.11 -15.04
N ALA A 187 24.17 -3.67 -14.05
CA ALA A 187 22.97 -4.37 -13.62
C ALA A 187 21.87 -4.44 -14.64
N SER A 188 21.75 -3.43 -15.52
CA SER A 188 20.67 -3.45 -16.55
C SER A 188 21.03 -4.27 -17.77
N GLU A 189 22.24 -4.84 -17.82
CA GLU A 189 22.69 -5.60 -18.98
C GLU A 189 21.96 -6.94 -19.11
N PRO A 190 21.54 -7.33 -20.35
CA PRO A 190 20.96 -8.68 -20.54
C PRO A 190 22.01 -9.79 -20.34
N THR A 191 21.57 -10.88 -19.70
CA THR A 191 22.37 -12.11 -19.49
C THR A 191 21.63 -13.33 -20.08
N ALA A 192 22.37 -14.43 -20.30
CA ALA A 192 21.76 -15.77 -20.65
C ALA A 192 21.26 -16.45 -19.37
N ALA A 193 19.94 -16.61 -19.25
CA ALA A 193 19.35 -17.35 -18.12
C ALA A 193 19.51 -18.90 -18.37
N THR A 194 20.27 -19.58 -17.51
CA THR A 194 20.48 -21.06 -17.52
C THR A 194 19.55 -21.81 -16.53
N GLY A 195 19.40 -23.13 -16.71
CA GLY A 195 18.89 -24.02 -15.66
C GLY A 195 19.99 -24.26 -14.61
N GLY A 196 19.60 -24.36 -13.34
CA GLY A 196 20.55 -24.43 -12.18
C GLY A 196 20.97 -23.05 -11.62
N GLU A 197 20.56 -21.97 -12.30
CA GLU A 197 21.08 -20.61 -11.91
C GLU A 197 20.43 -20.11 -10.62
N ILE A 198 21.07 -19.20 -9.88
CA ILE A 198 20.36 -18.58 -8.77
C ILE A 198 19.14 -17.82 -9.32
N ARG A 199 18.00 -17.97 -8.69
CA ARG A 199 16.81 -17.31 -9.15
C ARG A 199 16.69 -15.91 -8.55
N GLY A 200 16.12 -15.00 -9.33
CA GLY A 200 15.86 -13.63 -8.86
C GLY A 200 14.73 -13.51 -7.81
N PRO A 201 14.47 -12.29 -7.40
CA PRO A 201 13.51 -11.97 -6.40
C PRO A 201 12.10 -12.10 -6.92
N PHE A 202 11.17 -12.37 -6.02
CA PHE A 202 9.74 -12.43 -6.33
C PHE A 202 9.07 -11.47 -5.38
N ASN A 203 8.02 -10.86 -5.87
CA ASN A 203 7.23 -9.90 -5.10
C ASN A 203 6.20 -10.75 -4.28
N LEU A 204 6.22 -10.58 -2.99
CA LEU A 204 5.28 -11.25 -2.12
C LEU A 204 3.82 -10.78 -2.30
N LEU A 205 3.61 -9.54 -2.76
CA LEU A 205 2.25 -9.00 -3.01
C LEU A 205 1.76 -9.21 -4.44
N LYS A 206 2.40 -10.10 -5.18
CA LYS A 206 2.02 -10.43 -6.54
C LYS A 206 0.76 -11.28 -6.51
N GLY A 207 -0.11 -11.07 -7.49
CA GLY A 207 -1.26 -11.97 -7.70
C GLY A 207 -2.24 -11.91 -6.54
N ALA A 208 -2.82 -13.03 -6.21
CA ALA A 208 -3.98 -13.08 -5.39
C ALA A 208 -3.52 -13.51 -4.01
N PRO A 209 -4.05 -12.89 -2.95
CA PRO A 209 -3.67 -13.37 -1.64
C PRO A 209 -4.25 -14.75 -1.47
N LEU A 210 -3.68 -15.53 -0.56
CA LEU A 210 -4.23 -16.83 -0.26
C LEU A 210 -5.67 -16.66 0.32
N PHE A 211 -5.87 -15.68 1.20
CA PHE A 211 -7.24 -15.29 1.57
C PHE A 211 -7.30 -13.81 1.96
N GLU A 212 -8.51 -13.27 1.88
CA GLU A 212 -8.78 -11.89 2.23
C GLU A 212 -10.27 -11.63 2.52
N SER A 213 -10.51 -10.45 3.08
CA SER A 213 -11.83 -9.83 3.18
C SER A 213 -11.61 -8.32 3.00
N ARG A 214 -12.66 -7.53 3.24
CA ARG A 214 -12.51 -6.07 3.24
C ARG A 214 -11.56 -5.54 4.29
N PHE A 215 -11.30 -6.31 5.34
CA PHE A 215 -10.47 -5.85 6.45
C PHE A 215 -9.02 -6.36 6.46
N GLY A 216 -8.61 -7.09 5.42
CA GLY A 216 -7.25 -7.58 5.33
C GLY A 216 -6.96 -8.62 4.30
N GLN A 217 -5.66 -8.95 4.20
CA GLN A 217 -5.17 -9.90 3.25
C GLN A 217 -4.01 -10.67 3.85
N PHE A 218 -3.93 -11.94 3.45
CA PHE A 218 -2.81 -12.77 3.70
C PHE A 218 -2.27 -13.27 2.39
N PHE A 219 -1.05 -12.84 2.09
CA PHE A 219 -0.32 -13.41 0.97
C PHE A 219 0.73 -14.39 1.48
N GLU A 220 1.11 -15.32 0.62
CA GLU A 220 2.17 -16.28 0.98
C GLU A 220 2.87 -16.85 -0.25
N ALA A 221 4.17 -17.08 -0.10
CA ALA A 221 5.00 -17.79 -1.06
C ALA A 221 5.36 -19.08 -0.28
N SER A 222 4.83 -20.21 -0.74
CA SER A 222 5.03 -21.48 -0.09
C SER A 222 6.22 -22.24 -0.71
N PRO A 223 6.78 -23.19 0.01
CA PRO A 223 7.84 -24.03 -0.56
C PRO A 223 7.35 -24.98 -1.66
N GLU A 224 6.08 -25.34 -1.66
CA GLU A 224 5.56 -26.11 -2.76
C GLU A 224 5.67 -25.26 -4.04
N LEU A 225 5.45 -23.96 -3.98
CA LEU A 225 5.36 -23.19 -5.23
C LEU A 225 6.67 -22.50 -5.61
N PHE A 226 7.65 -22.41 -4.71
CA PHE A 226 8.87 -21.60 -4.94
C PHE A 226 10.07 -22.47 -4.65
N ALA A 227 10.78 -22.86 -5.69
CA ALA A 227 11.93 -23.74 -5.54
C ALA A 227 12.99 -23.15 -4.65
N GLN A 228 13.12 -21.81 -4.65
CA GLN A 228 14.15 -21.18 -3.81
C GLN A 228 13.84 -21.18 -2.31
N LEU A 229 12.62 -21.61 -1.95
CA LEU A 229 12.22 -21.81 -0.56
C LEU A 229 12.15 -23.28 -0.19
N ARG A 230 11.90 -24.13 -1.20
CA ARG A 230 11.60 -25.57 -0.99
C ARG A 230 12.65 -26.35 -0.20
N ASP A 231 13.91 -26.25 -0.60
CA ASP A 231 14.97 -26.95 0.14
C ASP A 231 15.12 -26.44 1.56
N LEU A 232 14.68 -25.22 1.92
CA LEU A 232 14.76 -24.80 3.33
C LEU A 232 13.46 -25.16 4.08
N ASP A 233 12.46 -25.68 3.38
CA ASP A 233 11.13 -25.90 3.93
C ASP A 233 10.58 -24.61 4.61
N VAL A 234 10.79 -23.48 3.96
CA VAL A 234 10.37 -22.17 4.48
C VAL A 234 9.24 -21.62 3.62
N ALA A 235 8.29 -20.96 4.27
CA ALA A 235 7.36 -20.12 3.60
C ALA A 235 7.57 -18.69 4.07
N VAL A 236 7.26 -17.76 3.16
CA VAL A 236 7.21 -16.35 3.48
C VAL A 236 5.78 -15.78 3.35
N GLY A 237 5.26 -15.29 4.45
CA GLY A 237 3.90 -14.82 4.53
C GLY A 237 3.87 -13.30 4.73
N TYR A 238 2.82 -12.66 4.21
CA TYR A 238 2.61 -11.23 4.35
C TYR A 238 1.19 -11.00 4.84
N MET A 239 1.07 -10.45 6.02
CA MET A 239 -0.20 -10.13 6.59
C MET A 239 -0.47 -8.63 6.52
N ASN A 240 -1.55 -8.21 5.86
CA ASN A 240 -1.91 -6.80 5.74
C ASN A 240 -3.29 -6.64 6.34
N ILE A 241 -3.32 -6.18 7.59
CA ILE A 241 -4.54 -5.93 8.34
C ILE A 241 -4.88 -4.45 8.19
N ASN A 242 -6.06 -4.20 7.63
CA ASN A 242 -6.55 -2.83 7.44
C ASN A 242 -6.69 -2.12 8.73
N GLN A 243 -6.45 -0.79 8.66
CA GLN A 243 -6.58 0.12 9.81
C GLN A 243 -7.84 -0.21 10.58
N GLY A 244 -7.73 -0.31 11.90
CA GLY A 244 -8.91 -0.66 12.71
C GLY A 244 -9.43 -2.13 12.52
N GLY A 245 -8.65 -3.02 11.86
CA GLY A 245 -9.12 -4.38 11.62
C GLY A 245 -8.46 -5.35 12.57
N MET A 246 -8.81 -6.62 12.40
CA MET A 246 -8.15 -7.70 13.09
C MET A 246 -8.18 -8.91 12.18
N VAL A 247 -7.21 -9.80 12.39
CA VAL A 247 -7.31 -11.13 11.88
C VAL A 247 -8.10 -11.95 12.94
N LEU A 248 -9.04 -12.78 12.46
CA LEU A 248 -9.85 -13.65 13.36
C LEU A 248 -8.89 -14.66 13.97
N PRO A 249 -9.12 -15.05 15.21
CA PRO A 249 -8.24 -16.06 15.76
C PRO A 249 -8.05 -17.32 14.90
N TYR A 250 -6.83 -17.84 14.85
CA TYR A 250 -6.43 -18.94 14.00
C TYR A 250 -5.19 -19.63 14.57
N TYR A 251 -4.87 -20.87 14.15
CA TYR A 251 -3.57 -21.42 14.39
C TYR A 251 -3.02 -21.96 13.10
N ASN A 252 -1.69 -22.02 13.03
CA ASN A 252 -0.99 -22.74 11.96
C ASN A 252 -0.86 -24.20 12.37
N THR A 253 -1.27 -25.11 11.49
CA THR A 253 -1.23 -26.51 11.90
C THR A 253 0.17 -27.01 12.23
N LYS A 254 1.17 -26.54 11.48
CA LYS A 254 2.53 -27.23 11.41
C LYS A 254 3.74 -26.30 11.54
N SER A 255 3.54 -25.02 11.17
CA SER A 255 4.60 -24.10 10.87
C SER A 255 4.69 -22.94 11.87
N THR A 256 5.70 -22.99 12.73
CA THR A 256 6.09 -21.90 13.56
C THR A 256 6.47 -20.71 12.71
N ARG A 257 6.00 -19.53 13.11
CA ARG A 257 6.21 -18.31 12.31
C ARG A 257 7.07 -17.29 13.08
N LEU A 258 8.04 -16.70 12.39
CA LEU A 258 8.88 -15.66 12.94
C LEU A 258 8.40 -14.39 12.30
N VAL A 259 7.66 -13.58 13.07
CA VAL A 259 6.84 -12.52 12.53
C VAL A 259 7.48 -11.17 12.77
N MET A 260 7.70 -10.37 11.71
CA MET A 260 8.34 -9.06 11.88
C MET A 260 7.39 -7.99 11.42
N VAL A 261 7.25 -6.92 12.17
CA VAL A 261 6.43 -5.77 11.79
C VAL A 261 7.13 -4.87 10.75
N ILE A 262 6.53 -4.74 9.58
CA ILE A 262 6.97 -3.90 8.48
C ILE A 262 6.49 -2.46 8.71
N GLU A 263 5.19 -2.28 8.98
CA GLU A 263 4.57 -0.96 9.11
C GLU A 263 3.46 -1.01 10.10
N GLY A 264 3.26 0.10 10.79
CA GLY A 264 2.09 0.30 11.61
C GLY A 264 2.33 -0.20 12.97
N ASN A 265 1.25 -0.31 13.72
CA ASN A 265 1.26 -0.71 15.13
C ASN A 265 0.10 -1.66 15.36
N GLY A 266 0.25 -2.50 16.37
CA GLY A 266 -0.80 -3.36 16.80
C GLY A 266 -0.55 -4.01 18.14
N ARG A 267 -1.38 -5.01 18.39
CA ARG A 267 -1.24 -5.84 19.51
C ARG A 267 -1.70 -7.29 19.19
N PHE A 268 -1.35 -8.23 20.08
CA PHE A 268 -1.67 -9.61 19.82
C PHE A 268 -2.06 -10.29 21.10
N GLU A 269 -2.75 -11.40 20.89
CA GLU A 269 -3.00 -12.34 21.96
C GLU A 269 -2.82 -13.74 21.43
N MET A 270 -2.21 -14.59 22.24
CA MET A 270 -1.86 -15.91 21.87
C MET A 270 -2.19 -16.81 23.02
N ALA A 271 -2.61 -18.04 22.73
CA ALA A 271 -2.80 -19.03 23.80
C ALA A 271 -1.65 -20.04 23.83
N CYS A 272 -1.09 -20.31 25.01
CA CYS A 272 0.13 -21.14 25.11
C CYS A 272 0.03 -22.05 26.36
N PRO A 273 0.09 -23.38 26.15
CA PRO A 273 -0.03 -24.33 27.25
C PRO A 273 1.35 -24.55 27.97
N HIS A 274 2.43 -24.13 27.32
CA HIS A 274 3.81 -24.09 27.90
C HIS A 274 4.01 -22.86 28.82
N ALA A 295 -0.08 -35.55 36.69
CA ALA A 295 -0.08 -34.27 35.97
C ALA A 295 -1.41 -33.52 36.18
N GLY A 296 -1.33 -32.20 36.43
CA GLY A 296 -2.50 -31.32 36.48
C GLY A 296 -3.09 -31.06 35.09
N ASP A 297 -4.34 -30.66 35.02
CA ASP A 297 -5.03 -30.47 33.71
C ASP A 297 -4.57 -29.22 32.93
N VAL A 298 -4.47 -29.40 31.60
CA VAL A 298 -3.87 -28.38 30.72
C VAL A 298 -4.49 -26.96 30.93
N HIS A 299 -3.64 -25.94 31.06
CA HIS A 299 -4.06 -24.56 31.16
C HIS A 299 -3.32 -23.77 30.05
N TYR A 300 -4.05 -22.88 29.42
CA TYR A 300 -3.58 -22.05 28.33
C TYR A 300 -3.30 -20.67 28.92
N GLN A 301 -2.02 -20.30 28.97
CA GLN A 301 -1.61 -18.95 29.34
C GLN A 301 -2.00 -17.95 28.23
N LYS A 302 -2.43 -16.78 28.65
CA LYS A 302 -2.62 -15.62 27.79
C LYS A 302 -1.29 -14.96 27.55
N VAL A 303 -0.73 -15.11 26.37
CA VAL A 303 0.43 -14.36 25.95
C VAL A 303 -0.06 -13.17 25.14
N ARG A 304 0.27 -11.98 25.62
CA ARG A 304 -0.25 -10.70 25.08
C ARG A 304 0.86 -9.65 24.91
N GLY A 305 0.69 -8.73 23.98
CA GLY A 305 1.65 -7.65 23.85
C GLY A 305 1.35 -6.72 22.74
N ASN A 306 2.11 -5.64 22.70
CA ASN A 306 2.04 -4.69 21.59
C ASN A 306 3.11 -4.89 20.57
N LEU A 307 2.88 -4.38 19.35
CA LEU A 307 3.79 -4.60 18.27
C LEU A 307 4.12 -3.27 17.60
N ASN A 308 5.41 -2.98 17.46
CA ASN A 308 5.89 -1.81 16.66
C ASN A 308 6.79 -2.20 15.53
N VAL A 309 7.08 -1.26 14.63
CA VAL A 309 7.90 -1.53 13.48
C VAL A 309 9.25 -2.10 13.93
N GLY A 310 9.67 -3.18 13.28
CA GLY A 310 10.89 -3.83 13.63
C GLY A 310 10.85 -4.89 14.72
N ASP A 311 9.73 -4.98 15.45
CA ASP A 311 9.61 -6.03 16.47
C ASP A 311 9.55 -7.40 15.77
N LEU A 312 10.01 -8.41 16.48
CA LEU A 312 9.83 -9.81 16.12
C LEU A 312 8.95 -10.53 17.13
N LEU A 313 8.00 -11.32 16.63
CA LEU A 313 7.27 -12.21 17.50
C LEU A 313 7.33 -13.63 16.98
N VAL A 314 7.69 -14.55 17.87
CA VAL A 314 7.69 -15.95 17.55
C VAL A 314 6.26 -16.47 17.79
N VAL A 315 5.63 -16.99 16.74
CA VAL A 315 4.28 -17.62 16.87
C VAL A 315 4.49 -19.12 16.67
N PRO A 316 4.55 -19.88 17.77
CA PRO A 316 4.78 -21.31 17.59
C PRO A 316 3.62 -22.03 16.93
N ALA A 317 3.98 -23.02 16.11
CA ALA A 317 2.94 -23.84 15.51
C ALA A 317 1.88 -24.34 16.53
N ALA A 318 0.64 -24.49 16.04
CA ALA A 318 -0.49 -25.01 16.81
C ALA A 318 -1.03 -24.02 17.85
N HIS A 319 -0.38 -22.83 18.06
CA HIS A 319 -0.78 -21.90 19.06
C HIS A 319 -1.81 -20.94 18.46
N PRO A 320 -3.00 -20.91 19.04
CA PRO A 320 -3.99 -19.88 18.64
C PRO A 320 -3.51 -18.47 18.85
N ILE A 321 -3.81 -17.60 17.88
CA ILE A 321 -3.30 -16.26 17.86
C ILE A 321 -4.26 -15.35 17.09
N THR A 322 -4.26 -14.08 17.51
CA THR A 322 -4.93 -12.98 16.85
C THR A 322 -4.07 -11.74 16.92
N PHE A 323 -4.09 -10.95 15.87
CA PHE A 323 -3.41 -9.69 15.78
C PHE A 323 -4.52 -8.68 15.53
N THR A 324 -4.40 -7.55 16.23
CA THR A 324 -5.26 -6.40 16.15
C THR A 324 -4.48 -5.13 15.68
N ALA A 325 -4.90 -4.49 14.60
CA ALA A 325 -4.29 -3.21 14.20
C ALA A 325 -4.72 -2.09 15.13
N THR A 326 -3.80 -1.25 15.53
CA THR A 326 -4.15 -0.15 16.43
C THR A 326 -3.57 1.10 15.81
N GLY A 327 -4.08 2.28 16.13
CA GLY A 327 -3.56 3.48 15.48
C GLY A 327 -4.21 3.76 14.12
N GLY A 328 -3.66 4.72 13.38
CA GLY A 328 -4.25 5.24 12.17
C GLY A 328 -3.76 4.64 10.90
N SER A 329 -2.98 3.57 10.98
CA SER A 329 -2.50 2.85 9.81
C SER A 329 -2.83 1.34 9.83
N ASN A 330 -2.71 0.74 8.67
CA ASN A 330 -2.65 -0.72 8.49
C ASN A 330 -1.52 -1.31 9.32
N LEU A 331 -1.68 -2.55 9.76
CA LEU A 331 -0.67 -3.33 10.41
C LEU A 331 -0.23 -4.31 9.34
N ARG A 332 1.02 -4.11 8.89
CA ARG A 332 1.68 -4.94 7.90
C ARG A 332 2.85 -5.72 8.50
N MET A 333 2.80 -7.03 8.30
CA MET A 333 3.75 -7.98 8.93
C MET A 333 4.26 -9.01 7.91
N VAL A 334 5.53 -9.38 7.99
CA VAL A 334 6.07 -10.48 7.21
C VAL A 334 6.42 -11.59 8.18
N GLY A 335 6.14 -12.83 7.83
CA GLY A 335 6.51 -13.91 8.69
C GLY A 335 7.29 -14.99 7.96
N PHE A 336 8.33 -15.47 8.60
CA PHE A 336 9.12 -16.53 8.07
C PHE A 336 8.54 -17.79 8.73
N GLY A 337 8.03 -18.67 7.91
CA GLY A 337 7.40 -19.91 8.35
C GLY A 337 8.38 -21.04 8.21
N ILE A 338 8.69 -21.71 9.29
CA ILE A 338 9.51 -22.90 9.27
C ILE A 338 8.71 -24.17 9.24
N ASN A 339 9.36 -25.25 8.82
CA ASN A 339 8.69 -26.55 8.71
C ASN A 339 7.33 -26.37 7.93
N ALA A 340 7.40 -25.64 6.83
CA ALA A 340 6.19 -25.05 6.25
C ALA A 340 5.38 -25.94 5.32
N GLN A 341 6.00 -26.98 4.78
CA GLN A 341 5.30 -27.85 3.83
C GLN A 341 3.94 -28.31 4.39
N ASN A 342 2.86 -28.15 3.61
CA ASN A 342 1.54 -28.57 4.02
C ASN A 342 0.98 -27.82 5.20
N ASN A 343 1.59 -26.70 5.60
CA ASN A 343 0.98 -25.94 6.67
C ASN A 343 -0.40 -25.43 6.26
N LYS A 344 -1.33 -25.36 7.22
CA LYS A 344 -2.61 -24.69 6.98
C LYS A 344 -2.97 -23.81 8.15
N LYS A 345 -3.80 -22.80 7.87
CA LYS A 345 -4.41 -21.99 8.92
C LYS A 345 -5.81 -22.50 9.26
N LYS A 346 -5.97 -22.92 10.50
CA LYS A 346 -7.29 -23.29 10.99
C LYS A 346 -7.90 -22.11 11.64
N PHE A 347 -8.90 -21.52 11.02
CA PHE A 347 -9.55 -20.37 11.63
C PHE A 347 -10.53 -20.85 12.73
N LEU A 348 -10.60 -20.09 13.81
CA LEU A 348 -11.35 -20.49 14.99
C LEU A 348 -12.71 -19.75 15.12
N ALA A 349 -12.95 -18.79 14.25
CA ALA A 349 -14.25 -18.02 14.16
C ALA A 349 -14.33 -17.53 12.73
N GLY A 350 -15.51 -17.04 12.39
CA GLY A 350 -15.79 -16.56 11.07
C GLY A 350 -16.55 -17.61 10.32
N LYS A 351 -17.12 -17.21 9.19
CA LYS A 351 -17.94 -18.12 8.39
C LYS A 351 -17.18 -19.34 7.97
N GLN A 352 -15.99 -19.13 7.41
CA GLN A 352 -15.06 -20.20 7.09
C GLN A 352 -14.14 -20.41 8.30
N ASN A 353 -14.42 -21.50 9.02
CA ASN A 353 -13.66 -21.91 10.17
C ASN A 353 -13.78 -23.40 10.40
N ILE A 354 -12.99 -23.95 11.31
CA ILE A 354 -12.98 -25.35 11.51
C ILE A 354 -14.34 -25.92 11.95
N TRP A 355 -15.13 -25.13 12.67
CA TRP A 355 -16.38 -25.64 13.21
C TRP A 355 -17.43 -25.84 12.11
N ARG A 356 -17.19 -25.25 10.95
CA ARG A 356 -18.04 -25.55 9.80
C ARG A 356 -17.89 -27.02 9.41
N ASN A 357 -16.75 -27.65 9.76
CA ASN A 357 -16.50 -29.06 9.46
C ASN A 357 -16.62 -29.98 10.63
N VAL A 358 -17.45 -29.58 11.57
CA VAL A 358 -17.86 -30.34 12.70
C VAL A 358 -19.41 -30.38 12.71
N ASP A 359 -19.98 -31.57 12.92
CA ASP A 359 -21.41 -31.76 12.89
C ASP A 359 -22.07 -31.49 14.26
N ARG A 360 -23.38 -31.40 14.27
CA ARG A 360 -24.12 -30.88 15.39
C ARG A 360 -23.85 -31.58 16.70
N GLU A 361 -23.88 -32.90 16.66
CA GLU A 361 -23.76 -33.66 17.88
C GLU A 361 -22.44 -33.40 18.57
N ALA A 362 -21.38 -33.28 17.78
CA ALA A 362 -20.05 -33.06 18.34
C ALA A 362 -19.95 -31.63 18.92
N LYS A 363 -20.62 -30.65 18.30
CA LYS A 363 -20.70 -29.28 18.87
C LYS A 363 -21.39 -29.28 20.23
N GLU A 364 -22.51 -30.00 20.29
CA GLU A 364 -23.32 -30.16 21.47
C GLU A 364 -22.55 -30.81 22.58
N LEU A 365 -21.97 -31.97 22.29
CA LEU A 365 -21.15 -32.64 23.29
C LEU A 365 -19.99 -31.79 23.77
N SER A 366 -19.31 -31.17 22.83
CA SER A 366 -18.17 -30.39 23.10
C SER A 366 -18.43 -29.29 24.10
N PHE A 367 -19.49 -28.52 23.92
CA PHE A 367 -19.70 -27.33 24.77
C PHE A 367 -20.81 -27.50 25.84
N ASN A 368 -21.43 -28.68 25.88
CA ASN A 368 -22.59 -28.99 26.76
C ASN A 368 -23.66 -27.96 26.55
N MET A 369 -24.02 -27.73 25.29
CA MET A 369 -25.05 -26.76 24.93
C MET A 369 -25.85 -27.42 23.83
N PRO A 370 -27.19 -27.23 23.83
CA PRO A 370 -27.96 -27.81 22.73
C PRO A 370 -27.35 -27.38 21.36
N GLY A 371 -27.21 -28.35 20.47
CA GLY A 371 -26.47 -28.16 19.25
C GLY A 371 -26.89 -27.06 18.31
N ARG A 372 -28.18 -26.83 18.22
CA ARG A 372 -28.61 -25.76 17.38
C ARG A 372 -28.13 -24.40 17.90
N GLU A 373 -28.08 -24.25 19.21
CA GLU A 373 -27.60 -23.01 19.76
C GLU A 373 -26.06 -22.80 19.50
N VAL A 374 -25.25 -23.84 19.58
CA VAL A 374 -23.84 -23.74 19.20
C VAL A 374 -23.73 -23.30 17.73
N GLU A 375 -24.53 -23.89 16.87
CA GLU A 375 -24.53 -23.48 15.49
C GLU A 375 -24.91 -22.03 15.34
N GLU A 376 -25.87 -21.57 16.14
CA GLU A 376 -26.33 -20.19 16.03
C GLU A 376 -25.19 -19.24 16.39
N ILE A 377 -24.56 -19.48 17.51
CA ILE A 377 -23.48 -18.60 17.94
C ILE A 377 -22.37 -18.65 16.87
N PHE A 378 -22.03 -19.82 16.35
CA PHE A 378 -20.89 -19.96 15.40
C PHE A 378 -21.18 -19.35 14.03
N GLN A 379 -22.44 -19.07 13.73
CA GLN A 379 -22.80 -18.53 12.46
C GLN A 379 -23.15 -17.08 12.58
N LYS A 380 -23.10 -16.48 13.76
CA LYS A 380 -23.37 -15.04 13.80
C LYS A 380 -22.35 -14.23 12.96
N GLN A 381 -21.11 -14.72 12.83
CA GLN A 381 -20.07 -13.95 12.13
C GLN A 381 -20.18 -14.36 10.70
N ASP A 382 -20.80 -13.52 9.91
CA ASP A 382 -20.94 -13.74 8.44
C ASP A 382 -19.64 -13.47 7.61
N GLU A 383 -18.69 -12.76 8.18
CA GLU A 383 -17.41 -12.47 7.52
C GLU A 383 -16.40 -13.58 7.82
N SER A 384 -15.39 -13.72 6.95
CA SER A 384 -14.21 -14.59 7.17
C SER A 384 -12.92 -13.86 7.22
N TYR A 385 -11.98 -14.45 7.98
CA TYR A 385 -10.53 -14.12 8.02
C TYR A 385 -10.15 -12.82 8.76
N PHE A 386 -10.69 -11.70 8.30
CA PHE A 386 -10.39 -10.39 8.88
C PHE A 386 -11.68 -9.61 9.08
N VAL A 387 -11.82 -8.93 10.21
CA VAL A 387 -13.03 -8.18 10.52
C VAL A 387 -12.60 -6.91 11.25
N ALA A 388 -13.55 -5.99 11.46
CA ALA A 388 -13.43 -4.81 12.33
C ALA A 388 -12.98 -5.26 13.67
N GLY A 389 -12.01 -4.56 14.21
CA GLY A 389 -11.32 -4.94 15.47
C GLY A 389 -12.04 -4.31 16.66
N PRO A 390 -11.63 -4.68 17.89
CA PRO A 390 -12.12 -3.99 19.08
C PRO A 390 -11.27 -2.73 19.35
N ASN B 1 -17.13 21.44 -27.31
CA ASN B 1 -16.91 20.29 -26.33
C ASN B 1 -16.98 20.69 -24.80
N PRO B 2 -18.20 20.85 -24.27
CA PRO B 2 -18.35 21.20 -22.85
C PRO B 2 -17.97 20.12 -21.80
N TYR B 3 -17.75 18.87 -22.21
CA TYR B 3 -17.48 17.75 -21.27
C TYR B 3 -16.02 17.73 -20.76
N LEU B 4 -15.06 18.24 -21.58
CA LEU B 4 -13.63 18.31 -21.18
C LEU B 4 -13.33 19.61 -20.41
N PHE B 5 -12.76 19.49 -19.22
CA PHE B 5 -12.38 20.65 -18.39
C PHE B 5 -10.90 20.47 -18.15
N GLU B 6 -10.08 21.22 -18.90
CA GLU B 6 -8.63 21.03 -18.83
C GLU B 6 -8.12 21.58 -17.54
N SER B 7 -7.06 20.99 -17.02
CA SER B 7 -6.45 21.39 -15.72
C SER B 7 -6.14 22.88 -15.65
N ALA B 8 -5.56 23.39 -16.76
CA ALA B 8 -5.39 24.84 -16.98
C ALA B 8 -6.71 25.67 -16.73
N GLY B 9 -7.89 25.14 -17.09
CA GLY B 9 -9.21 25.79 -16.87
C GLY B 9 -9.78 25.83 -15.45
N PHE B 10 -9.13 25.19 -14.48
CA PHE B 10 -9.56 25.24 -13.06
C PHE B 10 -9.21 26.62 -12.39
N ALA B 11 -10.09 27.17 -11.56
CA ALA B 11 -9.76 28.36 -10.73
C ALA B 11 -8.97 27.99 -9.46
N SER B 12 -8.24 28.94 -8.89
CA SER B 12 -7.41 28.72 -7.71
C SER B 12 -7.92 29.50 -6.53
N ALA B 13 -8.66 28.87 -5.63
CA ALA B 13 -9.14 29.60 -4.46
C ALA B 13 -7.96 30.11 -3.59
N PHE B 14 -6.90 29.31 -3.45
CA PHE B 14 -5.69 29.71 -2.70
C PHE B 14 -4.39 29.10 -3.26
N ARG B 15 -3.25 29.76 -2.97
CA ARG B 15 -1.89 29.29 -3.36
C ARG B 15 -0.87 29.91 -2.43
N THR B 16 -0.03 29.08 -1.80
CA THR B 16 1.16 29.52 -1.01
C THR B 16 2.41 28.85 -1.58
N GLY B 17 3.57 29.13 -0.97
CA GLY B 17 4.81 28.43 -1.33
C GLY B 17 4.71 26.93 -1.03
N GLU B 18 3.90 26.58 -0.02
CA GLU B 18 3.77 25.21 0.51
C GLU B 18 2.58 24.37 0.00
N GLY B 19 1.70 24.97 -0.79
CA GLY B 19 0.57 24.25 -1.32
C GLY B 19 -0.44 25.11 -2.04
N HIS B 20 -1.35 24.43 -2.74
CA HIS B 20 -2.43 25.11 -3.40
C HIS B 20 -3.60 24.22 -3.73
N LEU B 21 -4.71 24.89 -4.06
CA LEU B 21 -6.01 24.32 -4.28
C LEU B 21 -6.50 24.85 -5.61
N LYS B 22 -6.87 23.96 -6.51
CA LYS B 22 -7.46 24.29 -7.81
C LYS B 22 -8.89 23.74 -7.66
N ILE B 23 -9.88 24.43 -8.20
CA ILE B 23 -11.25 23.92 -8.17
C ILE B 23 -11.91 24.22 -9.49
N LEU B 24 -12.74 23.28 -9.94
CA LEU B 24 -13.45 23.43 -11.15
C LEU B 24 -14.63 24.37 -10.96
N GLU B 25 -14.97 25.13 -12.00
CA GLU B 25 -16.17 25.99 -12.02
C GLU B 25 -17.42 25.14 -11.82
N LYS B 26 -18.47 25.70 -11.21
CA LYS B 26 -19.74 24.98 -11.12
C LYS B 26 -20.10 24.53 -12.53
N PHE B 27 -20.61 23.31 -12.63
CA PHE B 27 -20.79 22.71 -13.92
C PHE B 27 -21.83 23.44 -14.75
N THR B 28 -22.85 23.99 -14.09
CA THR B 28 -23.94 24.70 -14.77
C THR B 28 -23.56 26.11 -15.32
N GLN B 29 -22.39 26.63 -14.96
CA GLN B 29 -21.83 27.80 -15.66
C GLN B 29 -21.35 27.45 -17.06
N ARG B 30 -20.71 26.30 -17.23
CA ARG B 30 -20.24 25.84 -18.56
C ARG B 30 -21.42 25.54 -19.50
N SER B 31 -22.50 24.95 -18.98
CA SER B 31 -23.64 24.58 -19.83
C SER B 31 -24.82 24.06 -19.00
N GLU B 32 -26.01 24.26 -19.53
CA GLU B 32 -27.25 23.76 -18.94
C GLU B 32 -27.38 22.22 -19.04
N LEU B 33 -26.64 21.61 -19.96
CA LEU B 33 -26.50 20.14 -20.03
C LEU B 33 -26.10 19.40 -18.75
N PHE B 34 -25.44 20.10 -17.84
CA PHE B 34 -24.93 19.58 -16.59
C PHE B 34 -25.82 19.90 -15.38
N ARG B 35 -27.11 20.14 -15.59
CA ARG B 35 -28.03 20.43 -14.50
C ARG B 35 -28.05 19.22 -13.53
N GLY B 36 -27.87 18.02 -14.07
CA GLY B 36 -27.80 16.79 -13.29
C GLY B 36 -26.59 16.65 -12.39
N ILE B 37 -25.49 17.35 -12.66
CA ILE B 37 -24.31 17.30 -11.79
C ILE B 37 -24.12 18.57 -11.00
N GLU B 38 -25.14 19.42 -10.97
CA GLU B 38 -25.01 20.70 -10.32
C GLU B 38 -24.58 20.67 -8.85
N LYS B 39 -24.93 19.60 -8.14
CA LYS B 39 -24.52 19.49 -6.71
C LYS B 39 -23.02 19.17 -6.52
N TYR B 40 -22.28 18.88 -7.58
CA TYR B 40 -20.93 18.32 -7.42
C TYR B 40 -19.87 19.37 -7.86
N ARG B 41 -18.75 19.41 -7.16
CA ARG B 41 -17.54 20.04 -7.65
C ARG B 41 -16.38 19.05 -7.57
N VAL B 42 -15.38 19.28 -8.39
CA VAL B 42 -14.15 18.56 -8.33
C VAL B 42 -13.01 19.52 -8.02
N ALA B 43 -12.11 19.10 -7.13
CA ALA B 43 -10.94 19.91 -6.79
C ALA B 43 -9.65 19.07 -6.76
N VAL B 44 -8.51 19.78 -6.79
CA VAL B 44 -7.16 19.21 -6.69
C VAL B 44 -6.43 20.03 -5.63
N LEU B 45 -5.98 19.39 -4.54
CA LEU B 45 -5.18 19.99 -3.51
C LEU B 45 -3.78 19.44 -3.61
N GLU B 46 -2.77 20.31 -3.58
CA GLU B 46 -1.36 19.88 -3.56
C GLU B 46 -0.63 20.41 -2.34
N PHE B 47 0.21 19.57 -1.74
CA PHE B 47 1.01 19.94 -0.60
C PHE B 47 2.48 19.69 -0.89
N GLU B 48 3.32 20.71 -0.71
CA GLU B 48 4.77 20.52 -0.81
C GLU B 48 5.27 19.63 0.33
N PRO B 49 6.49 19.08 0.21
CA PRO B 49 7.06 18.37 1.37
C PRO B 49 6.91 19.10 2.70
N GLN B 50 6.65 18.34 3.75
CA GLN B 50 6.64 18.82 5.13
C GLN B 50 5.73 20.05 5.36
N SER B 51 4.48 19.91 4.95
CA SER B 51 3.46 20.91 4.96
C SER B 51 2.28 20.51 5.84
N PHE B 52 1.53 21.54 6.26
CA PHE B 52 0.39 21.47 7.14
C PHE B 52 -0.68 22.39 6.62
N MET B 53 -1.92 21.88 6.53
CA MET B 53 -3.06 22.70 6.22
C MET B 53 -3.69 23.19 7.50
N VAL B 54 -4.00 24.48 7.52
CA VAL B 54 -4.57 25.11 8.69
C VAL B 54 -5.97 24.47 8.86
N PRO B 55 -6.34 24.14 10.09
CA PRO B 55 -7.65 23.54 10.31
C PRO B 55 -8.84 24.30 9.75
N ASN B 56 -9.71 23.58 9.06
CA ASN B 56 -10.90 24.12 8.50
C ASN B 56 -11.94 23.03 8.25
N HIS B 57 -13.21 23.46 8.05
CA HIS B 57 -14.26 22.57 7.60
C HIS B 57 -14.84 23.03 6.27
N CYS B 58 -15.32 22.06 5.51
CA CYS B 58 -16.00 22.26 4.24
C CYS B 58 -17.49 22.10 4.51
N ASP B 59 -18.31 22.94 3.88
CA ASP B 59 -19.74 22.83 4.12
C ASP B 59 -20.35 21.65 3.37
N GLY B 60 -19.65 21.11 2.37
CA GLY B 60 -20.14 19.94 1.62
C GLY B 60 -19.50 18.68 2.16
N GLU B 61 -20.06 17.58 1.74
CA GLU B 61 -19.49 16.26 1.89
C GLU B 61 -18.33 16.19 0.93
N VAL B 62 -17.26 15.53 1.36
CA VAL B 62 -16.07 15.44 0.55
C VAL B 62 -15.52 13.98 0.53
N ILE B 63 -14.96 13.63 -0.62
CA ILE B 63 -14.23 12.37 -0.82
C ILE B 63 -12.88 12.76 -1.42
N TYR B 64 -11.81 12.38 -0.73
CA TYR B 64 -10.41 12.62 -1.13
C TYR B 64 -9.81 11.32 -1.62
N VAL B 65 -9.16 11.39 -2.76
CA VAL B 65 -8.50 10.26 -3.37
C VAL B 65 -7.04 10.66 -3.51
N VAL B 66 -6.10 9.96 -2.85
CA VAL B 66 -4.68 10.28 -2.96
C VAL B 66 -4.13 9.87 -4.34
N ALA B 67 -3.86 10.85 -5.19
CA ALA B 67 -3.24 10.61 -6.51
C ALA B 67 -1.77 10.31 -6.37
N LYS B 68 -1.06 11.02 -5.50
CA LYS B 68 0.37 10.68 -5.29
C LYS B 68 0.86 11.18 -3.96
N GLY B 69 1.87 10.49 -3.40
CA GLY B 69 2.44 10.91 -2.12
C GLY B 69 1.84 10.18 -0.93
N ALA B 70 2.27 10.62 0.25
CA ALA B 70 1.88 10.05 1.52
C ALA B 70 1.55 11.20 2.49
N GLY B 71 0.69 10.92 3.45
CA GLY B 71 0.30 11.92 4.42
C GLY B 71 -0.54 11.45 5.58
N ILE B 72 -1.07 12.43 6.29
CA ILE B 72 -1.92 12.20 7.43
C ILE B 72 -3.12 13.15 7.33
N ILE B 73 -4.30 12.64 7.66
CA ILE B 73 -5.52 13.45 7.84
C ILE B 73 -5.86 13.35 9.31
N SER B 74 -6.23 14.48 9.92
CA SER B 74 -6.72 14.48 11.27
C SER B 74 -8.05 15.20 11.22
N ILE B 75 -8.92 14.81 12.16
CA ILE B 75 -10.31 15.27 12.17
C ILE B 75 -10.65 15.54 13.61
N ALA B 76 -11.16 16.73 13.89
CA ALA B 76 -11.46 17.16 15.26
C ALA B 76 -12.96 17.42 15.31
N GLU B 77 -13.64 16.63 16.10
CA GLU B 77 -15.06 16.76 16.26
C GLU B 77 -15.27 17.26 17.67
N GLN B 78 -16.47 17.68 17.97
CA GLN B 78 -16.89 18.02 19.32
C GLN B 78 -16.59 16.88 20.28
N LYS B 79 -16.81 15.66 19.81
CA LYS B 79 -16.80 14.52 20.75
C LYS B 79 -15.81 13.43 20.35
N ALA B 80 -14.94 13.66 19.35
CA ALA B 80 -13.92 12.68 18.94
C ALA B 80 -12.75 13.31 18.19
N LYS B 81 -11.58 12.65 18.26
CA LYS B 81 -10.40 12.95 17.48
C LYS B 81 -10.00 11.71 16.64
N TYR B 82 -9.61 11.93 15.38
CA TYR B 82 -9.16 10.88 14.48
C TYR B 82 -7.86 11.32 13.82
N TYR B 83 -7.05 10.30 13.49
CA TYR B 83 -5.88 10.39 12.68
C TYR B 83 -5.90 9.19 11.74
N PHE B 84 -5.63 9.41 10.45
CA PHE B 84 -5.47 8.33 9.50
C PHE B 84 -4.32 8.67 8.59
N VAL B 85 -3.43 7.72 8.36
CA VAL B 85 -2.41 7.92 7.37
C VAL B 85 -3.02 7.69 5.99
N LEU B 86 -2.49 8.41 5.00
CA LEU B 86 -2.92 8.37 3.63
C LEU B 86 -1.79 7.92 2.74
N LYS B 87 -2.10 7.02 1.82
CA LYS B 87 -1.11 6.47 0.87
C LYS B 87 -1.75 6.58 -0.50
N LYS B 88 -0.94 6.37 -1.53
CA LYS B 88 -1.39 6.49 -2.90
C LYS B 88 -2.60 5.55 -3.12
N ALA B 89 -3.67 6.10 -3.66
CA ALA B 89 -4.86 5.40 -4.05
C ALA B 89 -5.82 5.13 -2.89
N ASP B 90 -5.54 5.72 -1.73
CA ASP B 90 -6.44 5.64 -0.57
C ASP B 90 -7.61 6.64 -0.93
N VAL B 91 -8.82 6.31 -0.49
CA VAL B 91 -10.00 7.11 -0.67
C VAL B 91 -10.52 7.35 0.71
N LYS B 92 -10.84 8.61 1.01
CA LYS B 92 -11.31 8.95 2.36
C LYS B 92 -12.56 9.81 2.27
N ARG B 93 -13.66 9.39 2.91
CA ARG B 93 -14.89 10.20 2.99
C ARG B 93 -14.73 11.06 4.23
N VAL B 94 -15.02 12.35 4.10
CA VAL B 94 -15.05 13.23 5.25
C VAL B 94 -16.46 13.83 5.36
N PRO B 95 -17.09 13.66 6.50
CA PRO B 95 -18.45 14.19 6.55
C PRO B 95 -18.49 15.74 6.45
N ALA B 96 -19.61 16.27 5.95
CA ALA B 96 -19.87 17.70 5.83
C ALA B 96 -19.66 18.35 7.16
N GLY B 97 -18.93 19.47 7.16
CA GLY B 97 -18.70 20.25 8.38
C GLY B 97 -17.69 19.72 9.35
N ALA B 98 -16.99 18.64 9.02
CA ALA B 98 -15.94 18.16 9.91
C ALA B 98 -14.68 19.03 9.73
N THR B 99 -14.20 19.48 10.87
CA THR B 99 -12.94 20.16 10.97
C THR B 99 -11.81 19.19 10.76
N ILE B 100 -11.05 19.38 9.68
CA ILE B 100 -9.89 18.58 9.39
C ILE B 100 -8.62 19.38 9.27
N TYR B 101 -7.48 18.69 9.32
CA TYR B 101 -6.27 19.15 8.67
C TYR B 101 -5.51 18.02 7.99
N PHE B 102 -4.66 18.37 7.05
CA PHE B 102 -3.73 17.44 6.43
C PHE B 102 -2.28 17.78 6.80
N VAL B 103 -1.44 16.74 6.81
CA VAL B 103 0.02 16.86 6.78
C VAL B 103 0.64 16.06 5.64
N ASN B 104 1.56 16.68 4.92
CA ASN B 104 2.48 15.93 4.08
C ASN B 104 3.72 15.62 4.93
N ARG B 105 3.83 14.39 5.43
CA ARG B 105 4.99 13.95 6.22
C ARG B 105 6.30 13.76 5.39
N ASP B 106 6.20 13.57 4.08
CA ASP B 106 7.40 13.29 3.27
C ASP B 106 8.37 14.47 3.14
N ALA B 107 9.68 14.15 3.19
CA ALA B 107 10.72 15.15 3.17
C ALA B 107 10.99 15.64 1.72
N ASN B 108 10.58 14.88 0.70
CA ASN B 108 10.89 15.25 -0.71
C ASN B 108 9.75 15.26 -1.70
N GLN B 109 8.71 14.45 -1.48
CA GLN B 109 7.65 14.26 -2.52
C GLN B 109 6.39 15.09 -2.20
N LYS B 110 5.70 15.55 -3.24
CA LYS B 110 4.41 16.19 -3.06
C LYS B 110 3.33 15.16 -2.61
N LEU B 111 2.31 15.67 -1.92
CA LEU B 111 1.06 14.98 -1.70
C LEU B 111 0.03 15.66 -2.58
N VAL B 112 -0.60 14.88 -3.46
CA VAL B 112 -1.67 15.37 -4.32
C VAL B 112 -2.97 14.56 -4.06
N VAL B 113 -4.06 15.26 -3.75
CA VAL B 113 -5.36 14.62 -3.53
C VAL B 113 -6.38 15.23 -4.46
N TYR B 114 -7.15 14.34 -5.10
CA TYR B 114 -8.28 14.71 -5.95
C TYR B 114 -9.55 14.71 -5.01
N VAL B 115 -10.45 15.67 -5.18
CA VAL B 115 -11.52 15.88 -4.20
C VAL B 115 -12.87 15.95 -4.88
N LEU B 116 -13.88 15.26 -4.37
CA LEU B 116 -15.22 15.44 -4.86
C LEU B 116 -15.93 16.12 -3.73
N VAL B 117 -16.70 17.15 -4.08
CA VAL B 117 -17.52 17.85 -3.08
C VAL B 117 -18.94 17.67 -3.48
N LYS B 118 -19.81 17.39 -2.52
CA LYS B 118 -21.22 17.28 -2.83
C LYS B 118 -21.91 18.19 -1.85
N SER B 119 -22.54 19.24 -2.40
CA SER B 119 -23.28 20.22 -1.59
C SER B 119 -24.54 19.62 -0.93
N THR B 120 -24.84 20.18 0.22
CA THR B 120 -26.01 19.85 1.02
C THR B 120 -27.06 20.98 0.85
N ASN B 121 -26.65 22.26 0.78
CA ASN B 121 -27.60 23.41 0.76
C ASN B 121 -27.86 23.95 -0.64
N ALA B 122 -27.42 25.15 -1.01
CA ALA B 122 -27.53 25.63 -2.41
C ALA B 122 -26.70 24.72 -3.32
N PRO B 123 -27.27 24.22 -4.42
CA PRO B 123 -26.51 23.30 -5.27
C PRO B 123 -25.16 23.83 -5.80
N GLY B 124 -24.10 23.03 -5.65
CA GLY B 124 -22.77 23.37 -6.17
C GLY B 124 -21.95 24.41 -5.44
N GLU B 125 -22.45 24.92 -4.32
CA GLU B 125 -21.69 25.89 -3.55
C GLU B 125 -20.80 25.07 -2.65
N ALA B 126 -19.64 25.63 -2.36
CA ALA B 126 -18.59 24.99 -1.58
C ALA B 126 -17.70 26.09 -0.96
N GLN B 127 -17.58 26.03 0.36
CA GLN B 127 -16.76 26.99 1.10
C GLN B 127 -15.96 26.26 2.10
N GLU B 128 -14.76 26.78 2.32
CA GLU B 128 -13.91 26.46 3.44
C GLU B 128 -14.14 27.47 4.58
N TYR B 129 -14.16 26.96 5.80
CA TYR B 129 -14.36 27.73 7.00
C TYR B 129 -13.15 27.51 7.87
N PHE B 130 -12.23 28.48 7.84
CA PHE B 130 -10.99 28.37 8.62
C PHE B 130 -11.22 28.78 10.06
N SER B 131 -11.17 27.77 10.92
CA SER B 131 -11.21 27.92 12.37
C SER B 131 -9.81 28.31 12.90
N GLY B 132 -8.78 27.64 12.43
CA GLY B 132 -7.43 28.06 12.72
C GLY B 132 -7.06 29.30 11.92
N GLY B 133 -5.80 29.67 12.05
CA GLY B 133 -5.25 30.83 11.32
C GLY B 133 -5.49 32.12 12.10
N GLY B 134 -5.64 33.21 11.39
CA GLY B 134 -5.73 34.51 12.05
C GLY B 134 -5.91 35.58 11.01
N GLN B 135 -4.78 36.03 10.42
CA GLN B 135 -4.82 37.03 9.35
C GLN B 135 -4.93 36.39 7.98
N ASN B 136 -4.04 35.45 7.69
CA ASN B 136 -4.04 34.73 6.41
C ASN B 136 -3.62 33.26 6.67
N PRO B 137 -4.59 32.32 6.63
CA PRO B 137 -5.96 32.62 6.22
C PRO B 137 -6.71 33.37 7.34
N GLU B 138 -7.73 34.10 6.95
CA GLU B 138 -8.59 34.81 7.92
C GLU B 138 -9.35 33.80 8.73
N SER B 139 -9.20 33.83 10.06
CA SER B 139 -9.99 32.98 10.91
C SER B 139 -11.39 33.56 11.10
N PHE B 140 -12.40 32.66 11.09
CA PHE B 140 -13.80 33.12 11.20
C PHE B 140 -14.06 33.60 12.61
N TYR B 141 -13.15 33.33 13.53
CA TYR B 141 -13.28 33.88 14.89
C TYR B 141 -13.31 35.42 14.88
N ARG B 142 -12.61 36.02 13.91
CA ARG B 142 -12.52 37.47 13.79
C ARG B 142 -13.84 38.13 13.34
N ALA B 143 -14.84 37.34 12.90
CA ALA B 143 -16.19 37.86 12.61
C ALA B 143 -17.01 38.16 13.84
N PHE B 144 -16.61 37.65 14.99
CA PHE B 144 -17.34 37.94 16.22
C PHE B 144 -16.71 39.18 16.92
N SER B 145 -17.56 39.98 17.54
CA SER B 145 -17.17 41.14 18.30
C SER B 145 -16.38 40.75 19.52
N SER B 146 -15.50 41.66 19.97
CA SER B 146 -14.54 41.35 21.07
C SER B 146 -15.21 40.98 22.38
N ASP B 147 -16.31 41.68 22.66
CA ASP B 147 -17.06 41.49 23.90
C ASP B 147 -17.56 40.04 24.00
N ILE B 148 -18.02 39.50 22.85
CA ILE B 148 -18.41 38.08 22.65
C ILE B 148 -17.26 37.12 22.86
N LEU B 149 -16.19 37.31 22.10
CA LEU B 149 -14.94 36.55 22.28
C LEU B 149 -14.35 36.59 23.68
N GLU B 150 -14.40 37.76 24.35
CA GLU B 150 -13.89 37.84 25.72
C GLU B 150 -14.70 36.96 26.66
N LYS B 151 -16.02 37.08 26.60
CA LYS B 151 -16.87 36.21 27.42
C LYS B 151 -16.79 34.71 27.05
N ALA B 152 -16.70 34.42 25.75
CA ALA B 152 -16.64 33.02 25.28
C ALA B 152 -15.38 32.37 25.82
N PHE B 153 -14.26 33.06 25.61
CA PHE B 153 -12.96 32.56 25.98
C PHE B 153 -12.59 32.81 27.44
N ASN B 154 -13.27 33.76 28.09
CA ASN B 154 -12.97 34.18 29.47
C ASN B 154 -11.54 34.73 29.56
N THR B 155 -11.21 35.58 28.58
CA THR B 155 -9.90 36.13 28.44
C THR B 155 -10.05 37.60 28.03
N ALA B 156 -9.00 38.38 28.29
CA ALA B 156 -8.96 39.77 27.89
C ALA B 156 -8.70 39.85 26.38
N ALA B 157 -9.16 40.95 25.77
CA ALA B 157 -9.04 41.20 24.33
C ALA B 157 -7.62 41.10 23.80
N ASP B 158 -6.61 41.46 24.62
CA ASP B 158 -5.20 41.47 24.14
C ASP B 158 -4.71 40.05 23.79
N ARG B 159 -5.12 39.08 24.58
CA ARG B 159 -4.74 37.69 24.37
C ARG B 159 -5.41 37.10 23.08
N LEU B 160 -6.59 37.59 22.74
CA LEU B 160 -7.31 37.16 21.55
C LEU B 160 -6.77 37.82 20.32
N GLU B 161 -6.30 39.07 20.43
CA GLU B 161 -5.62 39.74 19.29
C GLU B 161 -4.28 39.06 19.01
N ARG B 162 -3.62 38.58 20.05
CA ARG B 162 -2.48 37.70 19.90
C ARG B 162 -2.92 36.41 19.17
N LEU B 163 -3.87 35.68 19.76
CA LEU B 163 -4.30 34.38 19.24
C LEU B 163 -4.60 34.36 17.76
N PHE B 164 -5.32 35.38 17.31
CA PHE B 164 -5.77 35.45 15.94
C PHE B 164 -4.99 36.42 15.09
N GLY B 165 -3.79 36.79 15.53
CA GLY B 165 -3.01 37.76 14.80
C GLY B 165 -1.65 37.32 14.35
N GLN B 166 -1.14 36.17 14.81
CA GLN B 166 0.24 35.76 14.42
C GLN B 166 0.35 35.07 13.06
N GLN B 167 -0.74 34.45 12.59
CA GLN B 167 -0.67 33.58 11.41
C GLN B 167 -0.98 34.34 10.16
N LYS B 168 0.00 34.40 9.28
CA LYS B 168 -0.18 35.11 8.00
C LYS B 168 0.45 34.39 6.79
N GLN B 169 0.95 33.17 6.99
CA GLN B 169 1.64 32.41 5.94
C GLN B 169 0.65 31.76 4.93
N GLY B 170 -0.64 31.78 5.23
CA GLY B 170 -1.69 31.27 4.30
C GLY B 170 -2.18 29.85 4.65
N PRO B 171 -3.11 29.30 3.87
CA PRO B 171 -3.76 28.02 4.27
C PRO B 171 -2.86 26.80 4.34
N VAL B 172 -1.83 26.74 3.52
CA VAL B 172 -0.84 25.68 3.65
C VAL B 172 0.50 26.32 4.02
N ILE B 173 1.04 25.84 5.15
CA ILE B 173 2.25 26.33 5.77
C ILE B 173 3.33 25.22 5.99
N LYS B 174 4.56 25.63 6.28
CA LYS B 174 5.64 24.70 6.52
C LYS B 174 5.56 24.17 7.94
N ALA B 175 5.98 22.93 8.12
CA ALA B 175 6.00 22.33 9.42
C ALA B 175 7.39 21.78 9.65
N SER B 176 7.85 21.80 10.90
CA SER B 176 9.19 21.28 11.22
C SER B 176 9.15 19.74 11.26
N GLU B 177 10.32 19.16 10.92
CA GLU B 177 10.53 17.75 11.04
C GLU B 177 10.07 17.23 12.39
N GLU B 178 10.27 18.01 13.44
CA GLU B 178 9.88 17.58 14.76
C GLU B 178 8.37 17.72 14.98
N GLN B 179 7.75 18.72 14.38
CA GLN B 179 6.31 18.83 14.46
C GLN B 179 5.59 17.65 13.79
N ILE B 180 6.11 17.25 12.64
CA ILE B 180 5.59 16.13 11.89
C ILE B 180 5.77 14.83 12.64
N ARG B 181 6.93 14.62 13.26
CA ARG B 181 7.14 13.39 14.02
C ARG B 181 6.22 13.31 15.22
N ALA B 182 5.93 14.43 15.86
CA ALA B 182 4.98 14.42 16.96
C ALA B 182 3.57 14.05 16.46
N ILE B 183 3.18 14.56 15.32
CA ILE B 183 1.87 14.29 14.76
C ILE B 183 1.80 12.82 14.34
N SER B 184 2.87 12.31 13.72
CA SER B 184 2.99 10.89 13.34
C SER B 184 2.83 9.97 14.52
N GLN B 185 3.41 10.38 15.63
CA GLN B 185 3.26 9.67 16.87
C GLN B 185 1.82 9.68 17.37
N TYR B 186 1.14 10.83 17.28
CA TYR B 186 -0.25 10.87 17.78
C TYR B 186 -1.12 9.88 16.99
N ALA B 187 -0.83 9.84 15.70
CA ALA B 187 -1.59 9.08 14.74
C ALA B 187 -1.45 7.58 15.00
N SER B 188 -0.30 7.17 15.54
CA SER B 188 0.03 5.80 15.82
C SER B 188 -0.60 5.32 17.12
N GLU B 189 -1.16 6.20 17.92
CA GLU B 189 -1.68 5.78 19.19
C GLU B 189 -3.00 4.97 19.12
N PRO B 190 -3.22 4.10 20.11
CA PRO B 190 -4.47 3.38 20.17
C PRO B 190 -5.64 4.28 20.51
N THR B 191 -6.82 3.89 20.04
CA THR B 191 -8.11 4.59 20.32
C THR B 191 -9.24 3.59 20.52
N ALA B 192 -10.32 4.06 21.16
CA ALA B 192 -11.58 3.26 21.35
C ALA B 192 -12.62 3.48 20.20
N ALA B 193 -13.26 2.39 19.75
CA ALA B 193 -14.20 2.42 18.62
C ALA B 193 -15.66 2.76 19.06
N THR B 194 -16.18 3.95 18.68
CA THR B 194 -17.62 4.33 18.88
C THR B 194 -18.54 3.73 17.76
N GLY B 195 -19.85 3.58 18.03
CA GLY B 195 -20.85 3.26 16.99
C GLY B 195 -21.03 4.52 16.13
N GLY B 196 -21.05 4.38 14.79
CA GLY B 196 -21.14 5.58 13.91
C GLY B 196 -19.90 6.47 13.93
N GLU B 197 -18.75 5.89 14.24
CA GLU B 197 -17.47 6.55 14.12
C GLU B 197 -17.19 6.87 12.63
N ILE B 198 -16.40 7.87 12.38
CA ILE B 198 -15.95 8.11 11.02
C ILE B 198 -14.99 6.99 10.68
N ARG B 199 -15.19 6.43 9.50
CA ARG B 199 -14.38 5.32 9.02
C ARG B 199 -13.11 5.83 8.36
N GLY B 200 -12.10 4.97 8.37
CA GLY B 200 -10.81 5.31 7.82
C GLY B 200 -10.83 5.17 6.35
N PRO B 201 -9.71 5.42 5.71
CA PRO B 201 -9.62 5.35 4.27
C PRO B 201 -9.56 3.91 3.76
N PHE B 202 -9.93 3.71 2.51
CA PHE B 202 -9.79 2.40 1.93
C PHE B 202 -8.96 2.56 0.68
N ASN B 203 -8.32 1.48 0.27
CA ASN B 203 -7.47 1.54 -0.89
C ASN B 203 -8.15 0.95 -2.09
N LEU B 204 -8.29 1.78 -3.08
CA LEU B 204 -8.95 1.45 -4.31
C LEU B 204 -8.35 0.26 -5.04
N LEU B 205 -7.05 -0.01 -4.85
CA LEU B 205 -6.35 -1.13 -5.50
C LEU B 205 -6.22 -2.39 -4.65
N LYS B 206 -6.81 -2.45 -3.46
CA LYS B 206 -6.88 -3.68 -2.67
C LYS B 206 -7.95 -4.60 -3.26
N GLY B 207 -7.57 -5.84 -3.50
CA GLY B 207 -8.55 -6.80 -4.01
C GLY B 207 -8.46 -6.98 -5.53
N ALA B 208 -9.45 -7.68 -6.03
CA ALA B 208 -9.50 -8.05 -7.43
C ALA B 208 -10.17 -6.87 -8.16
N PRO B 209 -9.68 -6.56 -9.38
CA PRO B 209 -10.47 -5.64 -10.20
C PRO B 209 -11.84 -6.19 -10.52
N LEU B 210 -12.77 -5.31 -10.86
CA LEU B 210 -14.09 -5.74 -11.33
C LEU B 210 -13.93 -6.47 -12.68
N PHE B 211 -13.04 -5.99 -13.54
CA PHE B 211 -12.66 -6.71 -14.73
C PHE B 211 -11.27 -6.29 -15.24
N GLU B 212 -10.66 -7.19 -16.01
CA GLU B 212 -9.30 -7.02 -16.48
C GLU B 212 -9.00 -7.87 -17.66
N SER B 213 -7.89 -7.52 -18.33
CA SER B 213 -7.34 -8.31 -19.41
C SER B 213 -5.91 -7.91 -19.46
N ARG B 214 -5.17 -8.53 -20.38
CA ARG B 214 -3.76 -8.26 -20.59
C ARG B 214 -3.53 -6.73 -20.73
N PHE B 215 -4.50 -6.02 -21.31
CA PHE B 215 -4.31 -4.60 -21.66
C PHE B 215 -4.85 -3.56 -20.67
N GLY B 216 -5.39 -4.01 -19.54
CA GLY B 216 -5.95 -3.05 -18.59
C GLY B 216 -6.74 -3.64 -17.45
N GLN B 217 -7.14 -2.75 -16.53
CA GLN B 217 -7.93 -3.10 -15.38
C GLN B 217 -8.88 -2.01 -14.93
N PHE B 218 -10.02 -2.43 -14.40
CA PHE B 218 -10.97 -1.52 -13.80
C PHE B 218 -11.31 -2.02 -12.41
N PHE B 219 -10.96 -1.17 -11.42
CA PHE B 219 -11.22 -1.37 -10.01
C PHE B 219 -12.37 -0.46 -9.64
N GLU B 220 -13.15 -0.85 -8.64
CA GLU B 220 -14.23 0.04 -8.18
C GLU B 220 -14.60 -0.17 -6.72
N ALA B 221 -14.86 0.93 -5.99
CA ALA B 221 -15.49 0.85 -4.66
C ALA B 221 -16.91 1.38 -4.86
N SER B 222 -17.90 0.55 -4.63
CA SER B 222 -19.29 0.90 -4.95
C SER B 222 -20.05 1.28 -3.68
N PRO B 223 -21.18 2.00 -3.80
CA PRO B 223 -21.94 2.32 -2.64
C PRO B 223 -22.56 1.09 -1.94
N GLU B 224 -22.83 0.00 -2.66
CA GLU B 224 -23.34 -1.21 -2.05
C GLU B 224 -22.34 -1.75 -1.05
N LEU B 225 -21.05 -1.67 -1.35
CA LEU B 225 -19.97 -2.28 -0.52
C LEU B 225 -19.27 -1.36 0.47
N PHE B 226 -19.51 -0.05 0.41
CA PHE B 226 -18.80 0.95 1.27
C PHE B 226 -19.82 1.92 1.88
N ALA B 227 -20.06 1.79 3.19
CA ALA B 227 -21.06 2.57 3.89
C ALA B 227 -20.72 4.07 3.85
N GLN B 228 -19.42 4.39 3.78
CA GLN B 228 -19.01 5.80 3.61
C GLN B 228 -19.23 6.37 2.21
N LEU B 229 -19.62 5.53 1.23
CA LEU B 229 -20.11 6.02 -0.07
C LEU B 229 -21.64 5.93 -0.23
N ARG B 230 -22.28 5.06 0.58
CA ARG B 230 -23.62 4.65 0.36
C ARG B 230 -24.63 5.78 0.44
N ASP B 231 -24.50 6.60 1.49
CA ASP B 231 -25.38 7.75 1.70
C ASP B 231 -25.27 8.87 0.61
N LEU B 232 -24.16 8.94 -0.12
CA LEU B 232 -23.97 9.89 -1.21
C LEU B 232 -24.33 9.30 -2.54
N ASP B 233 -24.54 7.97 -2.56
CA ASP B 233 -24.82 7.20 -3.78
C ASP B 233 -23.70 7.39 -4.83
N VAL B 234 -22.45 7.41 -4.36
CA VAL B 234 -21.26 7.56 -5.15
C VAL B 234 -20.46 6.26 -5.25
N ALA B 235 -19.85 6.05 -6.43
CA ALA B 235 -18.87 5.00 -6.62
C ALA B 235 -17.58 5.71 -6.93
N VAL B 236 -16.46 5.06 -6.58
CA VAL B 236 -15.17 5.55 -6.99
C VAL B 236 -14.50 4.46 -7.82
N GLY B 237 -14.24 4.78 -9.07
CA GLY B 237 -13.63 3.87 -10.03
C GLY B 237 -12.19 4.21 -10.37
N TYR B 238 -11.40 3.20 -10.74
CA TYR B 238 -10.01 3.37 -11.14
C TYR B 238 -9.78 2.57 -12.40
N MET B 239 -9.48 3.27 -13.49
CA MET B 239 -9.15 2.63 -14.77
C MET B 239 -7.64 2.75 -15.07
N ASN B 240 -6.99 1.60 -15.29
CA ASN B 240 -5.54 1.53 -15.63
C ASN B 240 -5.50 0.92 -17.01
N ILE B 241 -5.15 1.72 -18.02
CA ILE B 241 -5.05 1.19 -19.36
C ILE B 241 -3.57 1.03 -19.65
N ASN B 242 -3.14 -0.18 -19.96
CA ASN B 242 -1.72 -0.42 -20.28
C ASN B 242 -1.30 0.27 -21.59
N GLN B 243 -0.01 0.58 -21.65
CA GLN B 243 0.67 1.21 -22.80
C GLN B 243 0.24 0.47 -24.07
N GLY B 244 -0.21 1.21 -25.07
CA GLY B 244 -0.65 0.60 -26.33
C GLY B 244 -2.05 0.01 -26.30
N GLY B 245 -2.76 0.27 -25.22
CA GLY B 245 -4.09 -0.31 -24.98
C GLY B 245 -5.22 0.68 -25.16
N MET B 246 -6.41 0.13 -25.28
CA MET B 246 -7.64 0.92 -25.18
C MET B 246 -8.67 0.13 -24.36
N VAL B 247 -9.60 0.85 -23.74
CA VAL B 247 -10.80 0.20 -23.20
C VAL B 247 -11.83 0.12 -24.34
N LEU B 248 -12.38 -1.07 -24.56
CA LEU B 248 -13.38 -1.26 -25.61
C LEU B 248 -14.55 -0.37 -25.35
N PRO B 249 -15.19 0.13 -26.42
CA PRO B 249 -16.32 1.04 -26.18
C PRO B 249 -17.36 0.41 -25.21
N TYR B 250 -17.85 1.21 -24.27
CA TYR B 250 -18.89 0.78 -23.34
C TYR B 250 -19.77 1.96 -22.96
N TYR B 251 -20.84 1.71 -22.20
CA TYR B 251 -21.53 2.77 -21.53
C TYR B 251 -21.89 2.34 -20.11
N ASN B 252 -22.05 3.34 -19.23
CA ASN B 252 -22.54 3.16 -17.87
C ASN B 252 -24.03 3.24 -17.91
N THR B 253 -24.72 2.21 -17.41
CA THR B 253 -26.19 2.25 -17.45
C THR B 253 -26.85 3.42 -16.78
N LYS B 254 -26.25 3.89 -15.70
CA LYS B 254 -27.01 4.79 -14.79
C LYS B 254 -26.23 5.97 -14.25
N SER B 255 -24.90 5.81 -14.22
CA SER B 255 -24.01 6.63 -13.44
C SER B 255 -23.14 7.52 -14.32
N THR B 256 -23.33 8.81 -14.19
CA THR B 256 -22.45 9.82 -14.79
C THR B 256 -21.12 9.76 -14.00
N ARG B 257 -20.03 9.85 -14.72
CA ARG B 257 -18.72 9.77 -14.12
C ARG B 257 -17.92 11.05 -14.35
N LEU B 258 -17.32 11.52 -13.27
CA LEU B 258 -16.44 12.68 -13.29
C LEU B 258 -15.03 12.09 -13.28
N VAL B 259 -14.41 12.04 -14.46
CA VAL B 259 -13.14 11.36 -14.69
C VAL B 259 -11.91 12.27 -14.72
N MET B 260 -10.92 11.89 -13.92
CA MET B 260 -9.72 12.67 -13.69
C MET B 260 -8.53 11.81 -14.05
N VAL B 261 -7.58 12.44 -14.75
CA VAL B 261 -6.40 11.73 -15.23
C VAL B 261 -5.39 11.75 -14.11
N ILE B 262 -5.00 10.57 -13.63
CA ILE B 262 -4.00 10.46 -12.57
C ILE B 262 -2.61 10.44 -13.21
N GLU B 263 -2.42 9.64 -14.25
CA GLU B 263 -1.07 9.42 -14.82
C GLU B 263 -1.20 9.19 -16.30
N GLY B 264 -0.21 9.67 -17.04
CA GLY B 264 -0.06 9.34 -18.44
C GLY B 264 -0.83 10.28 -19.32
N ASN B 265 -1.07 9.82 -20.54
CA ASN B 265 -1.62 10.63 -21.59
C ASN B 265 -2.67 9.80 -22.33
N GLY B 266 -3.70 10.43 -22.89
CA GLY B 266 -4.66 9.66 -23.67
C GLY B 266 -5.64 10.43 -24.50
N ARG B 267 -6.51 9.70 -25.19
CA ARG B 267 -7.61 10.33 -25.94
C ARG B 267 -8.89 9.54 -25.75
N PHE B 268 -9.98 10.18 -26.13
CA PHE B 268 -11.27 9.56 -25.97
C PHE B 268 -12.18 9.95 -27.09
N GLU B 269 -13.13 9.06 -27.34
CA GLU B 269 -14.27 9.34 -28.17
C GLU B 269 -15.53 8.99 -27.46
N MET B 270 -16.58 9.78 -27.69
CA MET B 270 -17.85 9.66 -27.00
C MET B 270 -19.02 9.98 -27.93
N ALA B 271 -20.05 9.15 -27.93
CA ALA B 271 -21.27 9.38 -28.72
C ALA B 271 -22.26 10.10 -27.90
N CYS B 272 -22.83 11.16 -28.46
CA CYS B 272 -23.73 12.07 -27.73
C CYS B 272 -24.83 12.65 -28.63
N PRO B 273 -26.11 12.38 -28.29
CA PRO B 273 -27.22 12.89 -29.10
C PRO B 273 -27.76 14.24 -28.67
N HIS B 274 -27.14 14.91 -27.70
CA HIS B 274 -27.65 16.21 -27.22
C HIS B 274 -27.21 17.43 -28.09
N ALA B 295 -40.24 16.16 -34.84
CA ALA B 295 -38.85 15.78 -34.63
C ALA B 295 -38.33 14.88 -35.81
N GLY B 296 -37.09 15.14 -36.23
CA GLY B 296 -36.38 14.38 -37.28
C GLY B 296 -35.30 13.50 -36.65
N ASP B 297 -34.96 12.41 -37.35
CA ASP B 297 -34.14 11.25 -36.83
C ASP B 297 -32.91 11.58 -35.93
N VAL B 298 -32.72 10.78 -34.88
CA VAL B 298 -31.67 11.03 -33.86
C VAL B 298 -30.24 10.81 -34.41
N HIS B 299 -29.37 11.78 -34.14
CA HIS B 299 -28.03 11.81 -34.65
C HIS B 299 -27.12 11.77 -33.43
N TYR B 300 -26.07 10.96 -33.48
CA TYR B 300 -25.07 10.91 -32.39
C TYR B 300 -23.82 11.68 -32.77
N GLN B 301 -23.56 12.79 -32.08
CA GLN B 301 -22.40 13.62 -32.35
C GLN B 301 -21.12 12.93 -31.84
N LYS B 302 -20.04 13.21 -32.55
CA LYS B 302 -18.72 12.72 -32.25
C LYS B 302 -18.14 13.74 -31.23
N VAL B 303 -17.88 13.32 -30.00
CA VAL B 303 -17.24 14.17 -29.00
C VAL B 303 -15.90 13.52 -28.81
N ARG B 304 -14.81 14.29 -28.90
CA ARG B 304 -13.45 13.73 -28.98
C ARG B 304 -12.52 14.65 -28.26
N GLY B 305 -11.36 14.14 -27.83
CA GLY B 305 -10.36 15.02 -27.24
C GLY B 305 -9.21 14.27 -26.64
N ASN B 306 -8.28 15.05 -26.07
CA ASN B 306 -7.08 14.47 -25.46
C ASN B 306 -7.14 14.64 -23.98
N LEU B 307 -6.36 13.83 -23.29
CA LEU B 307 -6.33 13.81 -21.84
C LEU B 307 -4.93 13.89 -21.35
N ASN B 308 -4.70 14.82 -20.42
CA ASN B 308 -3.46 14.90 -19.65
C ASN B 308 -3.73 14.97 -18.15
N VAL B 309 -2.67 14.71 -17.39
CA VAL B 309 -2.73 14.70 -15.95
C VAL B 309 -3.47 15.91 -15.44
N GLY B 310 -4.44 15.69 -14.55
CA GLY B 310 -5.21 16.77 -13.95
C GLY B 310 -6.49 17.17 -14.68
N ASP B 311 -6.63 16.76 -15.94
CA ASP B 311 -7.85 17.03 -16.72
C ASP B 311 -9.07 16.28 -16.17
N LEU B 312 -10.22 16.93 -16.28
CA LEU B 312 -11.50 16.38 -15.88
C LEU B 312 -12.35 16.17 -17.11
N LEU B 313 -12.96 14.98 -17.24
CA LEU B 313 -13.93 14.69 -18.34
C LEU B 313 -15.23 14.21 -17.72
N VAL B 314 -16.32 14.88 -18.05
CA VAL B 314 -17.65 14.43 -17.68
C VAL B 314 -18.10 13.40 -18.71
N VAL B 315 -18.30 12.16 -18.26
CA VAL B 315 -18.86 11.09 -19.09
C VAL B 315 -20.25 10.81 -18.54
N PRO B 316 -21.28 11.34 -19.22
CA PRO B 316 -22.63 11.14 -18.71
C PRO B 316 -23.17 9.71 -18.89
N ALA B 317 -24.10 9.32 -18.00
CA ALA B 317 -24.77 8.06 -18.09
C ALA B 317 -25.31 7.75 -19.48
N ALA B 318 -25.22 6.48 -19.86
CA ALA B 318 -25.83 5.95 -21.07
C ALA B 318 -25.12 6.40 -22.38
N HIS B 319 -23.99 7.11 -22.27
CA HIS B 319 -23.20 7.55 -23.46
C HIS B 319 -22.08 6.60 -23.72
N PRO B 320 -22.05 6.00 -24.90
CA PRO B 320 -20.94 5.16 -25.27
C PRO B 320 -19.64 5.92 -25.28
N ILE B 321 -18.55 5.29 -24.85
CA ILE B 321 -17.29 5.98 -24.71
C ILE B 321 -16.15 4.99 -24.84
N THR B 322 -15.01 5.49 -25.33
CA THR B 322 -13.77 4.76 -25.36
C THR B 322 -12.63 5.69 -24.95
N PHE B 323 -11.64 5.10 -24.33
CA PHE B 323 -10.44 5.78 -23.90
C PHE B 323 -9.31 4.99 -24.50
N THR B 324 -8.33 5.73 -25.07
CA THR B 324 -7.12 5.14 -25.71
C THR B 324 -5.85 5.73 -25.07
N ALA B 325 -4.94 4.86 -24.64
CA ALA B 325 -3.63 5.26 -24.10
C ALA B 325 -2.76 5.76 -25.26
N THR B 326 -2.04 6.86 -25.05
CA THR B 326 -1.20 7.52 -26.10
C THR B 326 0.17 7.81 -25.48
N GLY B 327 1.14 8.20 -26.30
CA GLY B 327 2.55 8.28 -25.84
C GLY B 327 3.03 6.84 -25.66
N GLY B 328 3.91 6.60 -24.70
CA GLY B 328 4.31 5.23 -24.35
C GLY B 328 3.85 4.94 -22.95
N SER B 329 2.81 5.66 -22.54
CA SER B 329 2.40 5.77 -21.14
C SER B 329 1.23 4.84 -20.86
N ASN B 330 1.21 4.28 -19.66
CA ASN B 330 0.00 3.76 -19.06
C ASN B 330 -0.90 4.95 -18.78
N LEU B 331 -2.13 4.98 -19.32
CA LEU B 331 -3.20 5.92 -18.88
C LEU B 331 -4.01 5.39 -17.65
N ARG B 332 -3.81 6.09 -16.52
CA ARG B 332 -4.47 5.81 -15.24
C ARG B 332 -5.44 6.98 -14.92
N MET B 333 -6.68 6.63 -14.50
CA MET B 333 -7.74 7.62 -14.26
C MET B 333 -8.61 7.19 -13.08
N VAL B 334 -9.01 8.15 -12.26
CA VAL B 334 -9.97 7.91 -11.20
C VAL B 334 -11.26 8.57 -11.66
N GLY B 335 -12.40 7.93 -11.34
CA GLY B 335 -13.73 8.43 -11.70
C GLY B 335 -14.66 8.47 -10.52
N PHE B 336 -15.30 9.62 -10.28
CA PHE B 336 -16.37 9.71 -9.29
C PHE B 336 -17.63 9.43 -10.00
N GLY B 337 -18.30 8.34 -9.64
CA GLY B 337 -19.57 7.94 -10.26
C GLY B 337 -20.71 8.48 -9.41
N ILE B 338 -21.61 9.27 -9.98
CA ILE B 338 -22.78 9.73 -9.25
C ILE B 338 -23.98 8.84 -9.61
N ASN B 339 -25.04 8.93 -8.78
CA ASN B 339 -26.21 8.02 -8.85
C ASN B 339 -25.79 6.55 -9.05
N ALA B 340 -24.85 6.05 -8.24
CA ALA B 340 -24.08 4.89 -8.63
C ALA B 340 -24.72 3.54 -8.38
N GLN B 341 -25.77 3.47 -7.53
CA GLN B 341 -26.25 2.20 -7.08
C GLN B 341 -26.78 1.44 -8.28
N ASN B 342 -26.38 0.19 -8.38
CA ASN B 342 -26.81 -0.73 -9.44
C ASN B 342 -26.30 -0.35 -10.86
N ASN B 343 -25.32 0.55 -10.96
CA ASN B 343 -24.72 0.89 -12.26
C ASN B 343 -24.00 -0.30 -12.87
N LYS B 344 -24.09 -0.40 -14.18
CA LYS B 344 -23.37 -1.43 -14.88
C LYS B 344 -22.71 -0.84 -16.10
N LYS B 345 -21.66 -1.51 -16.52
CA LYS B 345 -20.97 -1.25 -17.74
C LYS B 345 -21.41 -2.22 -18.80
N LYS B 346 -22.13 -1.70 -19.79
CA LYS B 346 -22.48 -2.47 -20.99
C LYS B 346 -21.40 -2.29 -22.03
N PHE B 347 -20.66 -3.36 -22.30
CA PHE B 347 -19.64 -3.34 -23.35
C PHE B 347 -20.29 -3.56 -24.68
N LEU B 348 -19.81 -2.79 -25.65
CA LEU B 348 -20.35 -2.74 -26.99
C LEU B 348 -19.56 -3.55 -28.01
N ALA B 349 -18.41 -4.11 -27.58
CA ALA B 349 -17.59 -5.00 -28.38
C ALA B 349 -16.76 -5.84 -27.44
N GLY B 350 -16.08 -6.84 -28.01
CA GLY B 350 -15.28 -7.80 -27.23
C GLY B 350 -16.08 -9.06 -26.96
N LYS B 351 -15.45 -10.11 -26.47
CA LYS B 351 -16.14 -11.41 -26.29
C LYS B 351 -17.32 -11.33 -25.30
N GLN B 352 -17.11 -10.64 -24.17
CA GLN B 352 -18.17 -10.34 -23.24
C GLN B 352 -18.64 -8.94 -23.55
N ASN B 353 -19.82 -8.84 -24.14
CA ASN B 353 -20.46 -7.57 -24.50
C ASN B 353 -21.98 -7.83 -24.51
N ILE B 354 -22.79 -6.79 -24.67
CA ILE B 354 -24.27 -6.93 -24.70
C ILE B 354 -24.83 -7.87 -25.77
N TRP B 355 -24.20 -7.87 -26.93
CA TRP B 355 -24.66 -8.64 -28.11
C TRP B 355 -24.59 -10.12 -27.91
N ARG B 356 -23.74 -10.55 -26.97
CA ARG B 356 -23.73 -11.95 -26.52
C ARG B 356 -25.13 -12.35 -25.94
N ASN B 357 -25.90 -11.39 -25.43
CA ASN B 357 -27.24 -11.66 -24.89
C ASN B 357 -28.38 -11.21 -25.83
N VAL B 358 -28.08 -11.23 -27.14
CA VAL B 358 -29.06 -11.05 -28.19
C VAL B 358 -29.01 -12.30 -29.08
N ASP B 359 -30.16 -12.85 -29.44
CA ASP B 359 -30.13 -14.10 -30.22
C ASP B 359 -30.08 -13.75 -31.71
N ARG B 360 -29.77 -14.77 -32.50
CA ARG B 360 -29.41 -14.62 -33.92
C ARG B 360 -30.42 -13.84 -34.73
N GLU B 361 -31.67 -14.24 -34.69
CA GLU B 361 -32.70 -13.54 -35.47
C GLU B 361 -32.85 -12.09 -35.11
N ALA B 362 -32.57 -11.77 -33.84
CA ALA B 362 -32.65 -10.40 -33.40
C ALA B 362 -31.49 -9.55 -33.95
N LYS B 363 -30.31 -10.15 -34.02
CA LYS B 363 -29.17 -9.55 -34.73
C LYS B 363 -29.48 -9.32 -36.21
N GLU B 364 -30.09 -10.32 -36.83
CA GLU B 364 -30.49 -10.25 -38.21
C GLU B 364 -31.43 -9.10 -38.44
N LEU B 365 -32.52 -9.05 -37.69
CA LEU B 365 -33.49 -7.99 -37.85
C LEU B 365 -32.88 -6.60 -37.59
N SER B 366 -31.89 -6.56 -36.70
CA SER B 366 -31.39 -5.29 -36.22
C SER B 366 -30.51 -4.63 -37.31
N PHE B 367 -29.71 -5.47 -37.96
CA PHE B 367 -28.73 -4.96 -38.89
C PHE B 367 -29.09 -5.22 -40.35
N ASN B 368 -30.30 -5.77 -40.61
CA ASN B 368 -30.73 -6.17 -41.96
C ASN B 368 -29.64 -6.99 -42.70
N MET B 369 -29.17 -8.05 -42.06
CA MET B 369 -28.05 -8.79 -42.55
C MET B 369 -28.15 -10.21 -41.98
N PRO B 370 -27.68 -11.24 -42.70
CA PRO B 370 -27.93 -12.58 -42.18
C PRO B 370 -27.34 -12.76 -40.78
N GLY B 371 -28.10 -13.41 -39.90
CA GLY B 371 -27.75 -13.40 -38.50
C GLY B 371 -26.39 -13.99 -38.16
N ARG B 372 -26.06 -15.11 -38.81
CA ARG B 372 -24.77 -15.77 -38.69
C ARG B 372 -23.61 -14.85 -39.09
N GLU B 373 -23.85 -13.93 -40.01
CA GLU B 373 -22.81 -13.05 -40.46
C GLU B 373 -22.59 -11.95 -39.41
N VAL B 374 -23.67 -11.46 -38.79
CA VAL B 374 -23.54 -10.53 -37.68
C VAL B 374 -22.78 -11.17 -36.52
N GLU B 375 -23.09 -12.42 -36.20
CA GLU B 375 -22.39 -13.15 -35.14
C GLU B 375 -20.91 -13.25 -35.43
N GLU B 376 -20.58 -13.58 -36.68
CA GLU B 376 -19.22 -13.83 -37.12
C GLU B 376 -18.41 -12.56 -36.92
N ILE B 377 -18.99 -11.41 -37.29
CA ILE B 377 -18.35 -10.12 -37.02
C ILE B 377 -18.17 -9.88 -35.49
N PHE B 378 -19.24 -10.03 -34.69
CA PHE B 378 -19.16 -9.78 -33.23
C PHE B 378 -18.24 -10.74 -32.47
N GLN B 379 -18.02 -11.94 -32.99
CA GLN B 379 -17.11 -12.91 -32.40
C GLN B 379 -15.64 -12.81 -32.85
N LYS B 380 -15.29 -11.99 -33.86
CA LYS B 380 -13.85 -11.81 -34.26
C LYS B 380 -12.97 -11.33 -33.08
N GLN B 381 -13.49 -10.40 -32.27
CA GLN B 381 -12.77 -9.95 -31.09
C GLN B 381 -12.89 -11.01 -29.99
N ASP B 382 -11.81 -11.75 -29.80
CA ASP B 382 -11.70 -12.82 -28.82
C ASP B 382 -11.34 -12.29 -27.41
N GLU B 383 -10.87 -11.06 -27.30
CA GLU B 383 -10.51 -10.48 -25.98
C GLU B 383 -11.72 -9.71 -25.40
N SER B 384 -11.70 -9.47 -24.09
CA SER B 384 -12.67 -8.57 -23.48
C SER B 384 -12.04 -7.37 -22.76
N TYR B 385 -12.89 -6.34 -22.61
CA TYR B 385 -12.69 -5.16 -21.76
C TYR B 385 -11.63 -4.17 -22.25
N PHE B 386 -10.40 -4.65 -22.34
CA PHE B 386 -9.27 -3.87 -22.82
C PHE B 386 -8.50 -4.66 -23.88
N VAL B 387 -8.07 -3.98 -24.94
CA VAL B 387 -7.34 -4.61 -26.08
C VAL B 387 -6.26 -3.68 -26.68
N ALA B 388 -5.37 -4.22 -27.54
CA ALA B 388 -4.40 -3.39 -28.27
C ALA B 388 -5.17 -2.27 -29.00
N GLY B 389 -4.77 -1.01 -28.82
CA GLY B 389 -5.42 0.15 -29.46
C GLY B 389 -4.73 0.60 -30.77
N PRO B 390 -5.25 1.64 -31.44
CA PRO B 390 -4.77 2.05 -32.78
C PRO B 390 -3.38 2.74 -32.93
CL CL C . -26.65 -30.68 26.05
NA NA D . -24.99 -33.32 25.63
C1' SAL E . 1.38 -16.43 9.76
O1' SAL E . 0.67 -16.91 10.73
O2' SAL E . 1.65 -17.00 8.68
C1 SAL E . 1.82 -15.02 9.81
C2 SAL E . 2.66 -14.44 8.71
C3 SAL E . 2.98 -13.11 8.76
C4 SAL E . 2.53 -12.35 9.83
C5 SAL E . 1.75 -12.88 10.85
C6 SAL E . 1.39 -14.22 10.85
O2 SAL E . 3.14 -15.22 7.64
CU CU1 F . 3.34 -22.71 24.01
O1 PG4 G . 25.73 -10.10 4.84
C1 PG4 G . 24.49 -10.04 5.58
C2 PG4 G . 24.09 -11.40 6.16
O2 PG4 G . 23.57 -11.32 7.50
C3 PG4 G . 23.92 -12.46 8.24
C4 PG4 G . 24.12 -12.07 9.69
O3 PG4 G . 25.43 -12.44 10.13
C5 PG4 G . 25.62 -12.12 11.52
C6 PG4 G . 27.09 -11.83 11.89
O4 PG4 G . 27.25 -11.53 13.29
C7 PG4 G . 27.24 -12.65 14.20
C8 PG4 G . 27.16 -12.18 15.64
O5 PG4 G . 26.20 -12.95 16.40
C1' SAL H . -16.22 4.67 -15.47
O1' SAL H . -16.70 4.13 -14.47
O2' SAL H . -16.85 4.72 -16.56
C1 SAL H . -14.87 5.20 -15.22
C2 SAL H . -13.98 5.65 -16.28
C3 SAL H . -12.70 6.08 -15.98
C4 SAL H . -12.25 6.10 -14.66
C5 SAL H . -13.09 5.66 -13.66
C6 SAL H . -14.40 5.24 -13.92
O2 SAL H . -14.41 5.64 -17.55
CU CU1 I . -25.25 13.65 -24.58
#